data_9FGE
#
_entry.id   9FGE
#
_cell.length_a   91.326
_cell.length_b   97.824
_cell.length_c   129.607
_cell.angle_alpha   90.00
_cell.angle_beta   90.00
_cell.angle_gamma   90.00
#
_symmetry.space_group_name_H-M   'P 2 21 21'
#
loop_
_entity.id
_entity.type
_entity.pdbx_description
1 polymer 'FAD-binding oxidoreductase'
2 non-polymer 'FLAVIN-ADENINE DINUCLEOTIDE'
3 non-polymer 4-hydroxy-3-methoxybenzaldehyde
4 non-polymer GLYCEROL
5 non-polymer DI(HYDROXYETHYL)ETHER
6 water water
#
_entity_poly.entity_id   1
_entity_poly.type   'polypeptide(L)'
_entity_poly.pdbx_seq_one_letter_code
;ADFAGAMKAFRGVVGAEWVFGDEEAVVPWSKTYIPDPAHQYKPVGAVCPQSVEEVQEIVRIANTYKQPLWTVSTGKNMGY
GMTAPATPGQVVLDLKRMNRILEVDADLGTCLLEPGVTYQQLKDYLEEHKIPLWIDVPDVGPIASPVGNTLDRGVGYTPY
GEHFMFQCGMEVCLPDGRLMRTGMGSIKGSTAWQAFKWGYGPYLDGLFTQSNFGIVTKMGLWLMPKPPVYKPFMVRHANM
EDVPKIIEAMRPLRVSNLVANCNLMMSASYQLAMFKRRNEIVPDGAPLDEASLKKAASANGLGMWNTYFALYGTEQTVAG
VEPIIRATLTASGGEVLTAAEMEGNPWFHHHQTLMQGGLNLDEVGLLRWRGAGGGLAWFAPVAAARGVEAERQTALAKEI
VEKHGFDYTAAYAIGWRDLHHIIALLFDKADPTQEQKADACYRELVTRFGAQGWASYRTGVNSMDLVAQQYGEVNRDFNR
TLKRAIDPNGILSPGKSGIHP
;
_entity_poly.pdbx_strand_id   A,B
#
loop_
_chem_comp.id
_chem_comp.type
_chem_comp.name
_chem_comp.formula
FAD non-polymer 'FLAVIN-ADENINE DINUCLEOTIDE' 'C27 H33 N9 O15 P2'
GOL non-polymer GLYCEROL 'C3 H8 O3'
PEG non-polymer DI(HYDROXYETHYL)ETHER 'C4 H10 O3'
V55 non-polymer 4-hydroxy-3-methoxybenzaldehyde 'C8 H8 O3'
#
# COMPACT_ATOMS: atom_id res chain seq x y z
N ALA A 1 14.77 -8.89 33.51
CA ALA A 1 15.34 -9.90 32.60
C ALA A 1 16.24 -10.91 33.35
N ASP A 2 16.06 -12.24 33.16
CA ASP A 2 17.08 -13.21 33.55
C ASP A 2 17.94 -13.59 32.33
N PHE A 3 18.98 -12.80 32.15
CA PHE A 3 19.87 -12.93 31.02
C PHE A 3 20.53 -14.31 31.00
N ALA A 4 21.13 -14.72 32.12
CA ALA A 4 21.89 -15.96 32.11
C ALA A 4 20.98 -17.16 31.82
N GLY A 5 19.76 -17.17 32.36
CA GLY A 5 18.82 -18.26 32.13
C GLY A 5 18.36 -18.30 30.66
N ALA A 6 18.05 -17.14 30.10
CA ALA A 6 17.71 -17.05 28.69
C ALA A 6 18.80 -17.59 27.78
N MET A 7 20.04 -17.17 28.00
CA MET A 7 21.13 -17.51 27.11
C MET A 7 21.42 -19.01 27.22
N LYS A 8 21.27 -19.58 28.44
CA LYS A 8 21.46 -21.02 28.54
C LYS A 8 20.39 -21.78 27.75
N ALA A 9 19.15 -21.33 27.86
CA ALA A 9 18.07 -21.94 27.14
C ALA A 9 18.24 -21.78 25.63
N PHE A 10 18.70 -20.60 25.19
CA PHE A 10 18.96 -20.38 23.75
C PHE A 10 20.03 -21.33 23.22
N ARG A 11 21.07 -21.65 24.01
CA ARG A 11 22.06 -22.62 23.54
C ARG A 11 21.44 -23.98 23.25
N GLY A 12 20.44 -24.38 24.03
CA GLY A 12 19.70 -25.61 23.85
C GLY A 12 18.89 -25.62 22.56
N VAL A 13 18.51 -24.42 22.07
CA VAL A 13 17.74 -24.33 20.83
C VAL A 13 18.65 -24.35 19.61
N VAL A 14 19.63 -23.47 19.54
CA VAL A 14 20.36 -23.26 18.31
C VAL A 14 21.72 -23.97 18.36
N GLY A 15 22.15 -24.41 19.53
CA GLY A 15 23.53 -24.86 19.72
C GLY A 15 24.41 -23.75 20.32
N ALA A 16 25.35 -24.14 21.20
CA ALA A 16 26.19 -23.15 21.86
C ALA A 16 26.99 -22.29 20.88
N GLU A 17 27.31 -22.82 19.69
CA GLU A 17 28.14 -22.09 18.75
C GLU A 17 27.39 -20.94 18.05
N TRP A 18 26.07 -20.84 18.29
CA TRP A 18 25.25 -19.79 17.65
C TRP A 18 24.67 -18.84 18.69
N VAL A 19 25.16 -18.93 19.95
CA VAL A 19 24.86 -17.97 21.00
C VAL A 19 26.14 -17.22 21.37
N PHE A 20 25.99 -15.90 21.52
CA PHE A 20 27.10 -15.00 21.77
C PHE A 20 26.73 -14.20 23.03
N GLY A 21 27.38 -14.50 24.17
CA GLY A 21 26.78 -14.19 25.47
C GLY A 21 27.66 -13.41 26.45
N ASP A 22 28.70 -12.74 25.94
CA ASP A 22 29.46 -11.82 26.77
C ASP A 22 30.03 -10.68 25.92
N GLU A 23 30.64 -9.69 26.58
CA GLU A 23 31.09 -8.48 25.90
C GLU A 23 32.00 -8.79 24.70
N GLU A 24 32.97 -9.68 24.88
CA GLU A 24 33.91 -10.02 23.84
C GLU A 24 33.22 -10.73 22.67
N ALA A 25 32.34 -11.68 22.98
CA ALA A 25 31.68 -12.45 21.94
C ALA A 25 30.72 -11.57 21.11
N VAL A 26 30.18 -10.49 21.68
CA VAL A 26 29.19 -9.68 20.95
C VAL A 26 29.80 -8.49 20.19
N VAL A 27 31.14 -8.36 20.21
CA VAL A 27 31.84 -7.34 19.45
C VAL A 27 31.35 -7.29 18.00
N PRO A 28 31.19 -8.40 17.24
CA PRO A 28 30.72 -8.29 15.85
C PRO A 28 29.36 -7.60 15.64
N TRP A 29 28.59 -7.45 16.72
CA TRP A 29 27.26 -6.82 16.64
C TRP A 29 27.26 -5.39 17.20
N SER A 30 28.41 -4.86 17.62
CA SER A 30 28.41 -3.68 18.48
C SER A 30 28.87 -2.44 17.72
N LYS A 31 29.49 -2.52 16.55
CA LYS A 31 30.00 -1.31 15.90
C LYS A 31 28.85 -0.54 15.25
N THR A 32 28.85 0.80 15.42
CA THR A 32 27.89 1.68 14.76
C THR A 32 28.65 2.89 14.19
N TYR A 33 27.95 3.65 13.39
CA TYR A 33 28.51 4.84 12.73
C TYR A 33 27.80 6.09 13.22
N ILE A 34 26.62 5.91 13.82
CA ILE A 34 25.89 7.00 14.41
C ILE A 34 26.67 7.55 15.62
N PRO A 35 26.41 8.81 16.05
CA PRO A 35 27.08 9.35 17.22
C PRO A 35 26.51 8.68 18.48
N ASP A 36 27.38 8.32 19.42
CA ASP A 36 26.92 7.69 20.64
C ASP A 36 27.87 8.06 21.78
N PRO A 37 27.93 9.36 22.18
CA PRO A 37 28.88 9.82 23.19
C PRO A 37 28.76 9.09 24.52
N ALA A 38 27.55 8.64 24.88
CA ALA A 38 27.39 7.91 26.14
C ALA A 38 27.66 6.41 26.00
N HIS A 39 27.99 5.91 24.79
CA HIS A 39 28.20 4.49 24.56
C HIS A 39 27.00 3.68 25.07
N GLN A 40 25.78 4.13 24.75
CA GLN A 40 24.59 3.50 25.32
C GLN A 40 23.89 2.56 24.32
N TYR A 41 24.18 2.64 23.02
CA TYR A 41 23.52 1.77 22.03
C TYR A 41 24.42 0.55 21.74
N LYS A 42 24.13 -0.55 22.46
CA LYS A 42 24.99 -1.72 22.44
C LYS A 42 24.19 -2.94 22.86
N PRO A 43 24.32 -4.05 22.12
CA PRO A 43 23.68 -5.30 22.53
C PRO A 43 24.46 -5.99 23.66
N VAL A 44 23.77 -6.86 24.42
CA VAL A 44 24.41 -7.66 25.45
C VAL A 44 24.60 -9.10 25.02
N GLY A 45 24.05 -9.49 23.86
CA GLY A 45 24.13 -10.84 23.38
C GLY A 45 23.61 -10.91 21.94
N ALA A 46 23.85 -12.03 21.30
CA ALA A 46 23.25 -12.33 20.01
C ALA A 46 22.93 -13.83 19.90
N VAL A 47 21.89 -14.15 19.12
CA VAL A 47 21.50 -15.52 18.86
C VAL A 47 21.14 -15.64 17.37
N CYS A 48 21.60 -16.71 16.72
CA CYS A 48 21.51 -16.86 15.29
C CYS A 48 20.84 -18.17 14.93
N PRO A 49 19.49 -18.21 14.81
CA PRO A 49 18.79 -19.40 14.37
C PRO A 49 18.79 -19.62 12.86
N GLN A 50 18.56 -20.91 12.49
CA GLN A 50 18.47 -21.26 11.07
C GLN A 50 17.05 -21.68 10.63
N SER A 51 16.11 -21.86 11.56
CA SER A 51 14.77 -22.26 11.18
C SER A 51 13.72 -21.43 11.90
N VAL A 52 12.52 -21.35 11.31
CA VAL A 52 11.40 -20.65 11.96
C VAL A 52 11.03 -21.37 13.27
N GLU A 53 11.13 -22.70 13.34
CA GLU A 53 10.82 -23.40 14.58
C GLU A 53 11.77 -22.98 15.72
N GLU A 54 13.06 -22.77 15.40
CA GLU A 54 13.99 -22.24 16.41
C GLU A 54 13.57 -20.82 16.85
N VAL A 55 13.12 -19.99 15.88
CA VAL A 55 12.65 -18.64 16.23
C VAL A 55 11.53 -18.74 17.25
N GLN A 56 10.55 -19.60 16.98
CA GLN A 56 9.41 -19.75 17.88
C GLN A 56 9.85 -20.11 19.29
N GLU A 57 10.79 -21.07 19.39
CA GLU A 57 11.27 -21.49 20.69
C GLU A 57 12.00 -20.35 21.39
N ILE A 58 12.83 -19.62 20.65
CA ILE A 58 13.52 -18.48 21.16
C ILE A 58 12.52 -17.46 21.75
N VAL A 59 11.43 -17.18 21.04
CA VAL A 59 10.44 -16.22 21.51
C VAL A 59 9.80 -16.72 22.81
N ARG A 60 9.52 -18.03 22.90
CA ARG A 60 8.88 -18.56 24.08
C ARG A 60 9.82 -18.35 25.27
N ILE A 61 11.11 -18.65 25.08
CA ILE A 61 12.11 -18.46 26.12
C ILE A 61 12.21 -16.97 26.51
N ALA A 62 12.20 -16.07 25.53
CA ALA A 62 12.24 -14.64 25.79
C ALA A 62 11.13 -14.21 26.71
N ASN A 63 9.96 -14.78 26.50
CA ASN A 63 8.82 -14.46 27.36
C ASN A 63 9.05 -14.99 28.79
N THR A 64 9.47 -16.25 28.91
CA THR A 64 9.61 -16.85 30.24
C THR A 64 10.65 -16.09 31.05
N TYR A 65 11.75 -15.69 30.43
CA TYR A 65 12.91 -15.10 31.11
C TYR A 65 12.85 -13.56 31.05
N LYS A 66 11.82 -13.01 30.38
CA LYS A 66 11.64 -11.57 30.21
C LYS A 66 12.90 -10.93 29.57
N GLN A 67 13.49 -11.58 28.55
CA GLN A 67 14.70 -11.13 27.91
C GLN A 67 14.38 -10.58 26.53
N PRO A 68 14.45 -9.25 26.32
CA PRO A 68 14.13 -8.69 25.02
C PRO A 68 15.08 -9.05 23.91
N LEU A 69 14.51 -9.13 22.70
CA LEU A 69 15.20 -9.47 21.45
C LEU A 69 15.14 -8.30 20.47
N TRP A 70 16.26 -7.95 19.86
CA TRP A 70 16.28 -6.93 18.81
C TRP A 70 16.48 -7.66 17.50
N THR A 71 15.42 -7.81 16.69
CA THR A 71 15.48 -8.63 15.49
C THR A 71 16.04 -7.88 14.31
N VAL A 72 16.95 -8.53 13.61
CA VAL A 72 17.49 -8.04 12.33
C VAL A 72 17.54 -9.16 11.32
N SER A 73 17.62 -8.78 10.04
CA SER A 73 17.68 -9.73 8.93
C SER A 73 19.14 -9.94 8.60
N THR A 74 19.81 -8.97 7.96
CA THR A 74 21.24 -9.01 7.74
C THR A 74 21.95 -7.93 8.57
N GLY A 75 21.19 -6.96 9.12
CA GLY A 75 21.75 -6.00 10.07
C GLY A 75 22.68 -4.97 9.46
N LYS A 76 22.47 -4.57 8.22
CA LYS A 76 23.34 -3.59 7.60
C LYS A 76 22.65 -2.23 7.48
N ASN A 77 21.96 -1.83 8.57
CA ASN A 77 21.27 -0.55 8.67
C ASN A 77 22.28 0.55 8.98
N MET A 78 23.22 0.78 8.05
CA MET A 78 24.36 1.64 8.24
C MET A 78 23.92 3.10 8.15
N GLY A 79 24.25 3.85 9.21
CA GLY A 79 23.81 5.21 9.40
C GLY A 79 22.49 5.30 10.17
N TYR A 80 21.91 4.11 10.49
CA TYR A 80 20.67 4.03 11.25
C TYR A 80 20.80 3.12 12.47
N GLY A 81 22.03 2.69 12.79
CA GLY A 81 22.29 1.92 14.00
C GLY A 81 22.88 0.53 13.82
N MET A 82 23.01 0.05 12.58
CA MET A 82 23.52 -1.29 12.32
C MET A 82 22.71 -2.27 13.15
N THR A 83 23.33 -3.05 14.06
CA THR A 83 22.62 -4.01 14.90
C THR A 83 22.59 -3.56 16.34
N ALA A 84 22.79 -2.28 16.62
CA ALA A 84 22.67 -1.82 17.99
C ALA A 84 21.21 -1.65 18.38
N PRO A 85 20.75 -2.19 19.53
CA PRO A 85 19.37 -1.94 19.97
C PRO A 85 19.12 -0.53 20.48
N ALA A 86 17.83 -0.11 20.47
CA ALA A 86 17.45 1.20 20.91
C ALA A 86 17.51 1.40 22.44
N THR A 87 17.37 0.31 23.25
CA THR A 87 17.43 0.41 24.69
C THR A 87 18.46 -0.59 25.20
N PRO A 88 18.97 -0.44 26.44
CA PRO A 88 19.98 -1.36 26.96
C PRO A 88 19.45 -2.73 27.27
N GLY A 89 20.33 -3.70 27.24
CA GLY A 89 20.03 -5.00 27.79
C GLY A 89 19.37 -6.00 26.82
N GLN A 90 19.39 -5.69 25.52
CA GLN A 90 18.76 -6.55 24.53
C GLN A 90 19.75 -7.51 23.87
N VAL A 91 19.20 -8.65 23.44
CA VAL A 91 19.91 -9.66 22.67
C VAL A 91 19.49 -9.52 21.22
N VAL A 92 20.47 -9.45 20.31
CA VAL A 92 20.15 -9.38 18.89
C VAL A 92 19.68 -10.77 18.44
N LEU A 93 18.51 -10.81 17.81
CA LEU A 93 18.01 -12.00 17.11
C LEU A 93 18.37 -11.84 15.64
N ASP A 94 19.50 -12.45 15.23
CA ASP A 94 20.10 -12.22 13.97
C ASP A 94 19.66 -13.36 13.04
N LEU A 95 18.83 -13.04 12.04
CA LEU A 95 18.21 -14.07 11.19
C LEU A 95 19.01 -14.37 9.92
N LYS A 96 20.31 -14.03 9.87
CA LYS A 96 21.09 -14.18 8.65
C LYS A 96 21.17 -15.63 8.15
N ARG A 97 21.10 -16.63 9.03
CA ARG A 97 21.17 -18.04 8.62
C ARG A 97 19.87 -18.52 7.98
N MET A 98 18.77 -17.75 8.15
CA MET A 98 17.50 -18.10 7.53
C MET A 98 17.50 -17.46 6.15
N ASN A 99 18.22 -18.07 5.22
CA ASN A 99 18.55 -17.40 3.97
C ASN A 99 18.00 -18.15 2.76
N ARG A 100 16.87 -18.79 2.91
CA ARG A 100 16.31 -19.58 1.81
C ARG A 100 15.40 -18.75 0.91
N ILE A 101 15.62 -18.90 -0.41
CA ILE A 101 14.67 -18.45 -1.41
C ILE A 101 13.63 -19.54 -1.54
N LEU A 102 12.42 -19.23 -1.09
CA LEU A 102 11.39 -20.24 -1.03
C LEU A 102 10.69 -20.45 -2.37
N GLU A 103 10.32 -19.37 -3.07
CA GLU A 103 9.65 -19.50 -4.35
C GLU A 103 10.08 -18.32 -5.19
N VAL A 104 10.14 -18.55 -6.52
CA VAL A 104 10.17 -17.48 -7.51
C VAL A 104 9.21 -17.89 -8.63
N ASP A 105 8.22 -17.05 -8.88
CA ASP A 105 7.18 -17.29 -9.86
C ASP A 105 7.48 -16.43 -11.06
N ALA A 106 7.99 -17.07 -12.14
CA ALA A 106 8.41 -16.31 -13.29
C ALA A 106 7.25 -15.62 -14.01
N ASP A 107 6.12 -16.34 -14.11
CA ASP A 107 4.98 -15.82 -14.86
C ASP A 107 4.32 -14.64 -14.17
N LEU A 108 4.11 -14.75 -12.85
CA LEU A 108 3.42 -13.68 -12.13
C LEU A 108 4.40 -12.62 -11.66
N GLY A 109 5.71 -12.90 -11.73
CA GLY A 109 6.71 -11.91 -11.38
C GLY A 109 6.73 -11.71 -9.87
N THR A 110 6.97 -12.80 -9.11
CA THR A 110 6.93 -12.71 -7.65
C THR A 110 8.03 -13.59 -7.08
N CYS A 111 8.29 -13.39 -5.78
CA CYS A 111 9.10 -14.34 -5.01
C CYS A 111 8.62 -14.37 -3.57
N LEU A 112 9.11 -15.36 -2.84
CA LEU A 112 8.87 -15.53 -1.41
C LEU A 112 10.24 -15.83 -0.79
N LEU A 113 10.61 -15.03 0.26
CA LEU A 113 11.96 -14.99 0.77
C LEU A 113 11.99 -15.13 2.28
N GLU A 114 13.03 -15.79 2.78
CA GLU A 114 13.39 -15.71 4.19
C GLU A 114 14.23 -14.46 4.47
N PRO A 115 14.33 -13.99 5.72
CA PRO A 115 14.95 -12.69 6.01
C PRO A 115 16.41 -12.55 5.62
N GLY A 116 17.14 -13.65 5.72
CA GLY A 116 18.56 -13.70 5.44
C GLY A 116 18.95 -13.71 3.97
N VAL A 117 18.00 -13.89 3.08
CA VAL A 117 18.30 -13.76 1.66
C VAL A 117 18.89 -12.37 1.39
N THR A 118 20.02 -12.31 0.68
CA THR A 118 20.62 -11.05 0.29
C THR A 118 20.20 -10.65 -1.11
N TYR A 119 20.40 -9.37 -1.45
CA TYR A 119 20.13 -8.91 -2.80
C TYR A 119 21.03 -9.67 -3.78
N GLN A 120 22.30 -9.88 -3.40
CA GLN A 120 23.25 -10.58 -4.27
C GLN A 120 22.76 -11.99 -4.55
N GLN A 121 22.33 -12.68 -3.51
CA GLN A 121 21.82 -14.02 -3.61
C GLN A 121 20.62 -14.12 -4.55
N LEU A 122 19.68 -13.19 -4.44
CA LEU A 122 18.47 -13.19 -5.25
C LEU A 122 18.84 -12.91 -6.71
N LYS A 123 19.66 -11.89 -6.96
CA LYS A 123 20.08 -11.59 -8.32
C LYS A 123 20.79 -12.80 -8.92
N ASP A 124 21.70 -13.44 -8.16
CA ASP A 124 22.38 -14.64 -8.66
C ASP A 124 21.38 -15.76 -9.01
N TYR A 125 20.40 -15.97 -8.17
CA TYR A 125 19.36 -16.97 -8.37
C TYR A 125 18.62 -16.70 -9.67
N LEU A 126 18.20 -15.46 -9.88
CA LEU A 126 17.50 -15.14 -11.10
C LEU A 126 18.38 -15.38 -12.33
N GLU A 127 19.62 -14.94 -12.28
CA GLU A 127 20.49 -15.07 -13.44
C GLU A 127 20.80 -16.54 -13.72
N GLU A 128 21.09 -17.32 -12.69
CA GLU A 128 21.46 -18.73 -12.84
C GLU A 128 20.33 -19.55 -13.45
N HIS A 129 19.07 -19.16 -13.18
CA HIS A 129 17.91 -19.85 -13.68
C HIS A 129 17.37 -19.19 -14.95
N LYS A 130 18.07 -18.16 -15.49
CA LYS A 130 17.65 -17.42 -16.66
C LYS A 130 16.23 -16.90 -16.57
N ILE A 131 15.84 -16.39 -15.41
CA ILE A 131 14.51 -15.83 -15.18
C ILE A 131 14.54 -14.34 -15.47
N PRO A 132 13.77 -13.87 -16.47
CA PRO A 132 13.85 -12.49 -16.92
C PRO A 132 13.07 -11.51 -16.00
N LEU A 133 13.43 -11.51 -14.72
CA LEU A 133 12.95 -10.56 -13.73
C LEU A 133 14.15 -9.78 -13.18
N TRP A 134 13.86 -8.55 -12.75
CA TRP A 134 14.85 -7.71 -12.09
C TRP A 134 14.50 -7.56 -10.60
N ILE A 135 15.51 -7.19 -9.83
CA ILE A 135 15.36 -6.76 -8.46
C ILE A 135 15.46 -5.24 -8.40
N ASP A 136 15.17 -4.68 -7.22
CA ASP A 136 15.25 -3.27 -6.99
C ASP A 136 16.07 -3.06 -5.71
N VAL A 137 17.25 -2.45 -5.86
CA VAL A 137 18.25 -2.45 -4.81
C VAL A 137 18.46 -1.05 -4.25
N PRO A 138 18.63 -0.93 -2.93
CA PRO A 138 19.16 0.31 -2.36
C PRO A 138 20.63 0.46 -2.76
N ASP A 139 21.19 1.66 -2.56
CA ASP A 139 22.58 1.96 -2.89
C ASP A 139 23.53 1.50 -1.79
N VAL A 140 23.58 0.22 -1.57
CA VAL A 140 24.39 -0.37 -0.51
C VAL A 140 25.52 -1.22 -1.08
N GLY A 141 26.25 -1.77 -0.12
CA GLY A 141 27.43 -2.56 -0.40
C GLY A 141 27.02 -4.00 -0.65
N PRO A 142 27.94 -4.95 -0.39
CA PRO A 142 27.75 -6.32 -0.85
C PRO A 142 26.61 -7.06 -0.12
N ILE A 143 26.31 -6.67 1.13
CA ILE A 143 25.32 -7.40 1.91
C ILE A 143 24.19 -6.46 2.33
N ALA A 144 22.96 -6.79 1.92
CA ALA A 144 21.75 -6.16 2.43
C ALA A 144 20.60 -7.11 2.10
N SER A 145 19.41 -6.91 2.68
CA SER A 145 18.33 -7.89 2.66
C SER A 145 17.08 -7.28 2.05
N PRO A 146 16.45 -7.85 0.99
CA PRO A 146 15.14 -7.35 0.59
C PRO A 146 14.16 -7.34 1.71
N VAL A 147 14.18 -8.31 2.60
CA VAL A 147 13.23 -8.33 3.69
C VAL A 147 13.50 -7.21 4.72
N GLY A 148 14.73 -7.09 5.17
CA GLY A 148 15.07 -6.09 6.17
C GLY A 148 14.81 -4.67 5.66
N ASN A 149 15.23 -4.44 4.42
CA ASN A 149 15.09 -3.12 3.81
C ASN A 149 13.61 -2.76 3.66
N THR A 150 12.80 -3.68 3.11
CA THR A 150 11.39 -3.46 2.95
C THR A 150 10.70 -3.18 4.27
N LEU A 151 11.10 -3.88 5.31
CA LEU A 151 10.45 -3.71 6.60
C LEU A 151 10.79 -2.37 7.25
N ASP A 152 11.91 -1.75 6.90
CA ASP A 152 12.18 -0.39 7.34
C ASP A 152 11.64 0.64 6.33
N ARG A 153 10.91 0.16 5.30
CA ARG A 153 10.38 0.95 4.17
C ARG A 153 11.47 1.73 3.45
N GLY A 154 12.50 1.00 3.06
CA GLY A 154 13.53 1.58 2.22
C GLY A 154 13.16 1.65 0.75
N VAL A 155 14.16 2.15 0.01
CA VAL A 155 13.95 2.69 -1.31
C VAL A 155 15.07 2.28 -2.26
N GLY A 156 14.69 2.01 -3.51
CA GLY A 156 15.61 1.78 -4.61
C GLY A 156 15.20 2.58 -5.84
N TYR A 157 15.76 2.23 -7.01
CA TYR A 157 15.86 3.21 -8.09
C TYR A 157 15.34 2.68 -9.43
N THR A 158 14.53 1.62 -9.43
CA THR A 158 13.76 1.21 -10.61
C THR A 158 12.31 1.68 -10.44
N PRO A 159 11.39 1.35 -11.38
CA PRO A 159 9.97 1.60 -11.15
C PRO A 159 9.41 0.88 -9.94
N TYR A 160 10.11 -0.13 -9.43
CA TYR A 160 9.71 -0.82 -8.20
C TYR A 160 10.51 -0.30 -7.00
N GLY A 161 10.85 1.01 -7.02
CA GLY A 161 11.74 1.54 -6.00
C GLY A 161 11.11 1.77 -4.63
N GLU A 162 9.80 1.99 -4.55
CA GLU A 162 9.14 2.19 -3.26
C GLU A 162 8.83 0.80 -2.68
N HIS A 163 9.82 0.20 -2.00
CA HIS A 163 9.82 -1.23 -1.71
C HIS A 163 8.55 -1.75 -1.02
N PHE A 164 8.05 -1.03 -0.01
CA PHE A 164 6.88 -1.53 0.69
C PHE A 164 5.66 -1.63 -0.24
N MET A 165 5.54 -0.80 -1.30
CA MET A 165 4.43 -0.92 -2.22
C MET A 165 4.39 -2.29 -2.90
N PHE A 166 5.54 -2.95 -3.03
CA PHE A 166 5.68 -4.16 -3.82
C PHE A 166 5.72 -5.42 -2.95
N GLN A 167 5.65 -5.29 -1.62
CA GLN A 167 5.52 -6.40 -0.69
C GLN A 167 4.12 -7.00 -0.81
N CYS A 168 4.03 -8.32 -0.76
CA CYS A 168 2.75 -9.01 -0.91
C CYS A 168 2.79 -10.33 -0.15
N GLY A 169 2.11 -10.35 1.01
CA GLY A 169 2.13 -11.46 1.96
C GLY A 169 3.37 -11.51 2.85
N MET A 170 3.16 -11.90 4.12
CA MET A 170 4.25 -12.19 5.01
C MET A 170 3.81 -13.21 6.03
N GLU A 171 4.80 -13.90 6.57
CA GLU A 171 4.59 -14.72 7.78
C GLU A 171 5.28 -14.01 8.94
N VAL A 172 4.59 -13.93 10.09
CA VAL A 172 5.08 -13.27 11.29
C VAL A 172 5.04 -14.27 12.43
N CYS A 173 6.14 -14.32 13.19
CA CYS A 173 6.08 -14.92 14.51
C CYS A 173 5.67 -13.82 15.47
N LEU A 174 4.48 -13.98 16.08
CA LEU A 174 3.93 -12.97 16.96
C LEU A 174 4.69 -13.12 18.30
N PRO A 175 4.57 -12.16 19.22
CA PRO A 175 5.34 -12.23 20.45
C PRO A 175 5.05 -13.42 21.37
N ASP A 176 3.92 -14.10 21.18
CA ASP A 176 3.64 -15.31 21.93
C ASP A 176 4.21 -16.57 21.29
N GLY A 177 4.91 -16.44 20.14
CA GLY A 177 5.48 -17.60 19.49
C GLY A 177 4.57 -18.27 18.44
N ARG A 178 3.34 -17.78 18.22
CA ARG A 178 2.47 -18.30 17.18
C ARG A 178 2.80 -17.65 15.83
N LEU A 179 2.74 -18.43 14.77
CA LEU A 179 2.89 -17.91 13.42
C LEU A 179 1.56 -17.45 12.85
N MET A 180 1.60 -16.35 12.11
CA MET A 180 0.43 -15.76 11.45
C MET A 180 0.83 -15.37 10.03
N ARG A 181 0.06 -15.80 9.00
CA ARG A 181 0.32 -15.41 7.63
C ARG A 181 -0.71 -14.36 7.22
N THR A 182 -0.24 -13.28 6.61
CA THR A 182 -1.09 -12.16 6.20
C THR A 182 -1.67 -12.42 4.81
N GLY A 183 -2.64 -11.57 4.44
CA GLY A 183 -3.20 -11.56 3.09
C GLY A 183 -4.00 -12.84 2.86
N MET A 184 -3.67 -13.55 1.77
CA MET A 184 -4.34 -14.80 1.47
C MET A 184 -3.63 -16.01 2.11
N GLY A 185 -2.51 -15.77 2.79
CA GLY A 185 -1.61 -16.86 3.18
C GLY A 185 -2.12 -17.79 4.29
N SER A 186 -3.13 -17.35 5.03
CA SER A 186 -3.65 -18.17 6.12
C SER A 186 -4.68 -19.17 5.61
N ILE A 187 -5.03 -19.13 4.32
CA ILE A 187 -5.90 -20.14 3.72
C ILE A 187 -5.01 -21.32 3.31
N LYS A 188 -5.27 -22.55 3.79
CA LYS A 188 -4.29 -23.62 3.55
C LYS A 188 -4.14 -23.88 2.05
N GLY A 189 -2.88 -23.95 1.57
CA GLY A 189 -2.59 -24.14 0.15
C GLY A 189 -3.22 -23.08 -0.76
N SER A 190 -3.27 -21.85 -0.25
CA SER A 190 -3.58 -20.72 -1.12
C SER A 190 -2.44 -20.61 -2.13
N THR A 191 -2.82 -20.37 -3.37
CA THR A 191 -1.90 -20.07 -4.43
C THR A 191 -1.84 -18.57 -4.72
N ALA A 192 -2.45 -17.74 -3.86
CA ALA A 192 -2.58 -16.31 -4.15
C ALA A 192 -1.85 -15.44 -3.10
N TRP A 193 -0.93 -16.03 -2.33
CA TRP A 193 -0.29 -15.29 -1.24
C TRP A 193 0.52 -14.13 -1.80
N GLN A 194 1.17 -14.34 -2.95
CA GLN A 194 1.97 -13.31 -3.59
C GLN A 194 1.23 -12.62 -4.72
N ALA A 195 -0.11 -12.77 -4.80
CA ALA A 195 -0.88 -12.23 -5.92
C ALA A 195 -1.76 -11.05 -5.45
N PHE A 196 -2.33 -11.11 -4.23
CA PHE A 196 -3.30 -10.14 -3.76
C PHE A 196 -2.87 -9.61 -2.41
N LYS A 197 -2.66 -8.28 -2.29
CA LYS A 197 -2.03 -7.73 -1.09
C LYS A 197 -2.93 -7.77 0.16
N TRP A 198 -4.21 -7.45 0.02
CA TRP A 198 -4.95 -6.92 1.16
C TRP A 198 -5.57 -8.00 2.06
N GLY A 199 -5.91 -9.14 1.47
CA GLY A 199 -6.77 -10.11 2.13
C GLY A 199 -8.15 -9.56 2.51
N TYR A 200 -8.67 -10.02 3.66
CA TYR A 200 -10.04 -9.82 4.12
C TYR A 200 -9.97 -9.25 5.54
N GLY A 201 -10.77 -8.20 5.78
CA GLY A 201 -10.68 -7.61 7.13
C GLY A 201 -9.52 -6.63 7.22
N PRO A 202 -9.13 -6.18 8.43
CA PRO A 202 -8.10 -5.16 8.59
C PRO A 202 -6.81 -5.60 7.89
N TYR A 203 -6.17 -4.66 7.18
CA TYR A 203 -4.92 -4.89 6.48
C TYR A 203 -3.77 -4.74 7.47
N LEU A 204 -3.06 -5.85 7.75
CA LEU A 204 -2.17 -5.92 8.91
C LEU A 204 -0.69 -5.75 8.56
N ASP A 205 -0.25 -5.86 7.30
CA ASP A 205 1.15 -6.01 7.01
C ASP A 205 1.89 -4.76 7.44
N GLY A 206 1.26 -3.60 7.32
CA GLY A 206 1.93 -2.36 7.73
C GLY A 206 2.28 -2.26 9.22
N LEU A 207 1.57 -3.00 10.08
CA LEU A 207 1.89 -3.05 11.49
C LEU A 207 3.25 -3.64 11.75
N PHE A 208 3.80 -4.39 10.82
CA PHE A 208 5.08 -5.08 10.99
C PHE A 208 6.19 -4.33 10.25
N THR A 209 5.93 -3.09 9.77
CA THR A 209 6.97 -2.27 9.18
C THR A 209 7.29 -1.13 10.16
N GLN A 210 8.59 -0.83 10.28
CA GLN A 210 9.14 0.09 11.29
C GLN A 210 8.49 -0.10 12.65
N SER A 211 8.48 -1.35 13.10
CA SER A 211 7.73 -1.65 14.31
C SER A 211 8.42 -2.77 15.11
N ASN A 212 7.82 -3.03 16.28
CA ASN A 212 8.26 -4.07 17.23
C ASN A 212 7.08 -4.95 17.62
N PHE A 213 6.22 -5.22 16.65
CA PHE A 213 5.03 -6.01 16.95
C PHE A 213 5.16 -7.47 16.51
N GLY A 214 6.21 -7.84 15.77
CA GLY A 214 6.31 -9.18 15.24
C GLY A 214 7.69 -9.39 14.64
N ILE A 215 8.06 -10.65 14.51
CA ILE A 215 9.27 -11.08 13.81
C ILE A 215 8.83 -11.66 12.47
N VAL A 216 9.23 -11.03 11.38
CA VAL A 216 8.88 -11.50 10.04
C VAL A 216 9.83 -12.65 9.69
N THR A 217 9.23 -13.82 9.36
CA THR A 217 9.94 -15.03 9.06
C THR A 217 9.90 -15.37 7.58
N LYS A 218 8.95 -14.81 6.82
CA LYS A 218 8.87 -15.02 5.39
C LYS A 218 8.20 -13.79 4.79
N MET A 219 8.60 -13.34 3.60
CA MET A 219 7.99 -12.17 2.97
C MET A 219 7.92 -12.35 1.47
N GLY A 220 6.78 -12.01 0.90
CA GLY A 220 6.58 -12.04 -0.54
C GLY A 220 6.88 -10.68 -1.13
N LEU A 221 7.36 -10.68 -2.37
CA LEU A 221 7.80 -9.47 -3.01
C LEU A 221 7.47 -9.57 -4.49
N TRP A 222 6.92 -8.53 -5.04
CA TRP A 222 6.77 -8.45 -6.50
C TRP A 222 8.06 -8.02 -7.18
N LEU A 223 8.38 -8.59 -8.37
CA LEU A 223 9.58 -8.31 -9.13
C LEU A 223 9.19 -7.85 -10.53
N MET A 224 9.95 -6.88 -11.04
CA MET A 224 9.63 -6.25 -12.32
C MET A 224 10.19 -7.09 -13.47
N PRO A 225 9.38 -7.38 -14.50
CA PRO A 225 9.89 -7.98 -15.71
C PRO A 225 11.02 -7.17 -16.34
N LYS A 226 12.08 -7.87 -16.75
CA LYS A 226 13.16 -7.22 -17.49
C LYS A 226 12.60 -6.64 -18.78
N PRO A 227 12.80 -5.34 -19.01
CA PRO A 227 12.28 -4.68 -20.22
C PRO A 227 13.18 -4.96 -21.41
N PRO A 228 12.64 -4.96 -22.64
CA PRO A 228 13.48 -5.10 -23.84
C PRO A 228 14.54 -4.00 -23.96
N VAL A 229 14.15 -2.78 -23.60
CA VAL A 229 15.02 -1.64 -23.61
C VAL A 229 15.07 -0.95 -22.22
N TYR A 230 16.32 -0.65 -21.82
CA TYR A 230 16.64 0.14 -20.63
C TYR A 230 17.56 1.29 -21.06
N LYS A 231 17.14 2.51 -20.77
CA LYS A 231 17.86 3.70 -21.18
C LYS A 231 18.07 4.64 -20.00
N PRO A 232 19.29 4.69 -19.42
CA PRO A 232 19.58 5.58 -18.29
C PRO A 232 19.99 6.99 -18.70
N PHE A 233 19.66 7.97 -17.87
CA PHE A 233 19.94 9.38 -18.11
C PHE A 233 20.47 10.04 -16.84
N MET A 234 21.30 11.06 -17.08
CA MET A 234 21.75 11.99 -16.05
C MET A 234 21.35 13.41 -16.45
N VAL A 235 20.82 14.21 -15.51
CA VAL A 235 20.56 15.61 -15.76
C VAL A 235 21.53 16.41 -14.89
N ARG A 236 22.26 17.32 -15.51
CA ARG A 236 23.23 18.14 -14.81
C ARG A 236 22.68 19.55 -14.67
N HIS A 237 22.63 20.06 -13.43
CA HIS A 237 22.27 21.43 -13.13
C HIS A 237 23.49 22.14 -12.58
N ALA A 238 23.72 23.38 -13.00
CA ALA A 238 25.01 24.04 -12.76
C ALA A 238 25.14 24.69 -11.38
N ASN A 239 24.02 25.06 -10.73
CA ASN A 239 24.06 25.92 -9.57
C ASN A 239 23.44 25.26 -8.34
N MET A 240 24.03 25.56 -7.15
CA MET A 240 23.46 25.14 -5.87
C MET A 240 22.01 25.59 -5.75
N GLU A 241 21.69 26.79 -6.26
CA GLU A 241 20.37 27.34 -6.06
C GLU A 241 19.33 26.77 -7.04
N ASP A 242 19.69 25.83 -7.92
CA ASP A 242 18.76 25.25 -8.88
C ASP A 242 17.73 24.30 -8.21
N VAL A 243 17.93 23.95 -6.94
CA VAL A 243 17.06 23.01 -6.24
C VAL A 243 15.59 23.18 -6.63
N PRO A 244 14.90 24.32 -6.37
CA PRO A 244 13.45 24.41 -6.61
C PRO A 244 13.10 24.14 -8.06
N LYS A 245 13.93 24.59 -9.03
CA LYS A 245 13.57 24.38 -10.42
C LYS A 245 13.63 22.91 -10.82
N ILE A 246 14.55 22.13 -10.22
CA ILE A 246 14.68 20.69 -10.52
C ILE A 246 13.43 19.94 -10.07
N ILE A 247 13.02 20.23 -8.84
CA ILE A 247 11.82 19.57 -8.30
C ILE A 247 10.60 19.96 -9.12
N GLU A 248 10.44 21.24 -9.46
CA GLU A 248 9.28 21.69 -10.24
C GLU A 248 9.27 21.07 -11.62
N ALA A 249 10.44 20.80 -12.21
CA ALA A 249 10.51 20.13 -13.50
C ALA A 249 10.16 18.65 -13.40
N MET A 250 10.70 17.97 -12.39
CA MET A 250 10.51 16.54 -12.30
C MET A 250 9.08 16.20 -11.87
N ARG A 251 8.50 17.02 -10.98
CA ARG A 251 7.20 16.73 -10.37
C ARG A 251 6.17 16.36 -11.43
N PRO A 252 5.93 17.20 -12.49
CA PRO A 252 4.92 16.82 -13.47
C PRO A 252 5.22 15.50 -14.19
N LEU A 253 6.50 15.23 -14.45
CA LEU A 253 6.92 14.01 -15.13
C LEU A 253 6.60 12.79 -14.29
N ARG A 254 6.71 12.93 -12.95
CA ARG A 254 6.42 11.83 -12.05
C ARG A 254 4.92 11.72 -11.76
N VAL A 255 4.22 12.82 -11.49
CA VAL A 255 2.79 12.73 -11.23
C VAL A 255 2.09 12.11 -12.44
N SER A 256 2.49 12.43 -13.67
CA SER A 256 1.88 11.85 -14.88
C SER A 256 2.54 10.53 -15.27
N ASN A 257 3.55 10.10 -14.52
CA ASN A 257 4.22 8.83 -14.76
C ASN A 257 4.83 8.70 -16.15
N LEU A 258 5.38 9.80 -16.71
CA LEU A 258 6.28 9.72 -17.85
C LEU A 258 7.65 9.16 -17.45
N VAL A 259 8.05 9.46 -16.19
CA VAL A 259 9.20 8.86 -15.53
C VAL A 259 8.64 8.12 -14.32
N ALA A 260 9.07 6.87 -14.15
CA ALA A 260 8.44 6.00 -13.14
C ALA A 260 9.38 5.53 -12.04
N ASN A 261 10.70 5.62 -12.29
CA ASN A 261 11.64 5.17 -11.27
C ASN A 261 11.89 6.28 -10.25
N CYS A 262 12.22 5.89 -9.03
CA CYS A 262 12.66 6.84 -8.04
C CYS A 262 13.97 7.49 -8.51
N ASN A 263 14.05 8.83 -8.44
CA ASN A 263 15.17 9.61 -9.03
C ASN A 263 16.04 10.19 -7.93
N LEU A 264 17.30 9.80 -7.86
CA LEU A 264 18.25 10.43 -6.97
C LEU A 264 18.75 11.73 -7.60
N MET A 265 18.46 12.83 -6.89
CA MET A 265 18.98 14.15 -7.16
C MET A 265 20.12 14.40 -6.17
N MET A 266 21.36 14.28 -6.66
CA MET A 266 22.53 14.19 -5.82
C MET A 266 23.25 15.54 -5.74
N SER A 267 23.63 15.94 -4.53
CA SER A 267 24.49 17.11 -4.39
C SER A 267 25.94 16.76 -4.82
N ALA A 268 26.65 17.77 -5.33
CA ALA A 268 28.03 17.59 -5.71
C ALA A 268 28.82 17.16 -4.49
N SER A 269 28.54 17.75 -3.34
CA SER A 269 29.31 17.41 -2.15
C SER A 269 29.21 15.92 -1.81
N TYR A 270 27.98 15.37 -1.84
CA TYR A 270 27.80 13.94 -1.64
C TYR A 270 28.55 13.11 -2.67
N GLN A 271 28.39 13.45 -3.96
CA GLN A 271 29.05 12.71 -4.99
C GLN A 271 30.56 12.72 -4.78
N LEU A 272 31.14 13.88 -4.50
CA LEU A 272 32.58 13.91 -4.29
C LEU A 272 32.96 13.06 -3.10
N ALA A 273 32.14 13.08 -2.04
CA ALA A 273 32.46 12.34 -0.81
C ALA A 273 32.49 10.83 -1.05
N MET A 274 31.78 10.36 -2.08
CA MET A 274 31.78 8.94 -2.37
C MET A 274 33.18 8.42 -2.71
N PHE A 275 33.97 9.25 -3.41
CA PHE A 275 35.25 8.78 -3.95
C PHE A 275 36.45 9.59 -3.43
N LYS A 276 36.24 10.70 -2.73
CA LYS A 276 37.33 11.56 -2.31
C LYS A 276 37.13 11.91 -0.83
N ARG A 277 38.22 12.23 -0.15
CA ARG A 277 38.16 12.74 1.22
C ARG A 277 38.10 14.26 1.16
N ARG A 278 37.56 14.84 2.24
CA ARG A 278 37.29 16.28 2.28
C ARG A 278 38.57 17.08 2.02
N ASN A 279 39.69 16.58 2.54
CA ASN A 279 40.96 17.30 2.42
C ASN A 279 41.59 17.19 1.03
N GLU A 280 40.95 16.50 0.09
CA GLU A 280 41.31 16.59 -1.31
C GLU A 280 40.61 17.78 -1.97
N ILE A 281 39.63 18.36 -1.30
CA ILE A 281 38.81 19.41 -1.89
C ILE A 281 39.08 20.77 -1.24
N VAL A 282 39.04 20.83 0.09
CA VAL A 282 39.34 22.04 0.83
C VAL A 282 40.20 21.70 2.03
N PRO A 283 41.01 22.65 2.55
CA PRO A 283 41.73 22.43 3.82
C PRO A 283 40.82 22.16 5.01
N ASP A 284 41.33 21.34 5.94
CA ASP A 284 40.65 21.16 7.20
C ASP A 284 40.52 22.54 7.82
N GLY A 285 39.38 22.82 8.42
CA GLY A 285 39.28 24.15 8.99
C GLY A 285 38.63 25.16 8.07
N ALA A 286 38.63 24.92 6.76
CA ALA A 286 37.97 25.81 5.82
C ALA A 286 36.58 25.28 5.52
N PRO A 287 35.63 26.16 5.18
CA PRO A 287 34.29 25.72 4.76
C PRO A 287 34.34 25.00 3.41
N LEU A 288 33.32 24.16 3.16
CA LEU A 288 33.21 23.52 1.84
C LEU A 288 32.50 24.55 0.95
N ASP A 289 33.26 25.52 0.48
CA ASP A 289 32.69 26.63 -0.32
C ASP A 289 32.21 26.17 -1.71
N GLU A 290 31.23 26.89 -2.25
CA GLU A 290 30.61 26.50 -3.55
C GLU A 290 31.58 26.67 -4.73
N ALA A 291 32.49 27.62 -4.66
CA ALA A 291 33.46 27.73 -5.77
C ALA A 291 34.34 26.47 -5.83
N SER A 292 34.82 26.06 -4.66
CA SER A 292 35.69 24.87 -4.62
C SER A 292 34.87 23.64 -5.07
N LEU A 293 33.61 23.56 -4.60
CA LEU A 293 32.77 22.45 -5.00
C LEU A 293 32.52 22.47 -6.49
N LYS A 294 32.18 23.65 -7.02
CA LYS A 294 31.89 23.75 -8.44
C LYS A 294 33.11 23.34 -9.27
N LYS A 295 34.30 23.81 -8.91
CA LYS A 295 35.52 23.53 -9.66
C LYS A 295 35.83 22.03 -9.69
N ALA A 296 35.71 21.41 -8.50
CA ALA A 296 35.93 19.98 -8.33
C ALA A 296 34.89 19.15 -9.07
N ALA A 297 33.61 19.57 -8.95
CA ALA A 297 32.56 18.87 -9.66
C ALA A 297 32.74 18.95 -11.16
N SER A 298 33.03 20.18 -11.67
CA SER A 298 33.19 20.42 -13.11
C SER A 298 34.34 19.57 -13.67
N ALA A 299 35.44 19.46 -12.92
CA ALA A 299 36.58 18.66 -13.32
C ALA A 299 36.24 17.18 -13.45
N ASN A 300 35.11 16.75 -12.84
CA ASN A 300 34.69 15.35 -12.84
C ASN A 300 33.42 15.14 -13.67
N GLY A 301 33.03 16.16 -14.45
CA GLY A 301 31.86 16.10 -15.32
C GLY A 301 30.51 16.15 -14.56
N LEU A 302 30.53 16.72 -13.35
CA LEU A 302 29.33 16.88 -12.53
C LEU A 302 28.93 18.35 -12.45
N GLY A 303 27.60 18.54 -12.32
CA GLY A 303 27.01 19.80 -11.93
C GLY A 303 26.96 19.92 -10.43
N MET A 304 26.35 21.00 -9.95
CA MET A 304 26.18 21.14 -8.52
C MET A 304 25.03 20.23 -8.01
N TRP A 305 24.10 19.87 -8.90
CA TRP A 305 23.09 18.85 -8.60
C TRP A 305 23.04 17.95 -9.83
N ASN A 306 22.95 16.63 -9.61
CA ASN A 306 22.99 15.68 -10.72
C ASN A 306 21.87 14.68 -10.47
N THR A 307 20.90 14.61 -11.39
CA THR A 307 19.68 13.86 -11.11
C THR A 307 19.61 12.71 -12.09
N TYR A 308 19.29 11.50 -11.60
CA TYR A 308 19.37 10.29 -12.37
C TYR A 308 17.97 9.71 -12.57
N PHE A 309 17.62 9.40 -13.81
CA PHE A 309 16.37 8.73 -14.15
C PHE A 309 16.60 7.76 -15.28
N ALA A 310 15.63 6.88 -15.52
CA ALA A 310 15.72 5.96 -16.63
C ALA A 310 14.36 5.76 -17.27
N LEU A 311 14.40 5.28 -18.51
CA LEU A 311 13.23 4.86 -19.28
C LEU A 311 13.33 3.36 -19.58
N TYR A 312 12.16 2.70 -19.52
CA TYR A 312 12.08 1.25 -19.61
C TYR A 312 10.93 0.90 -20.56
N GLY A 313 11.20 -0.01 -21.50
CA GLY A 313 10.13 -0.54 -22.35
C GLY A 313 10.70 -0.96 -23.70
N THR A 314 10.22 -0.33 -24.77
CA THR A 314 10.80 -0.57 -26.10
C THR A 314 11.35 0.72 -26.68
N GLU A 315 12.06 0.58 -27.81
CA GLU A 315 12.56 1.77 -28.50
C GLU A 315 11.36 2.69 -28.75
N GLN A 316 10.20 2.12 -29.05
CA GLN A 316 9.06 2.95 -29.41
C GLN A 316 8.44 3.64 -28.18
N THR A 317 8.26 2.92 -27.05
CA THR A 317 7.68 3.54 -25.87
C THR A 317 8.65 4.59 -25.31
N VAL A 318 9.96 4.29 -25.36
CA VAL A 318 10.99 5.24 -24.91
C VAL A 318 10.90 6.52 -25.76
N ALA A 319 10.77 6.38 -27.09
CA ALA A 319 10.68 7.53 -27.99
C ALA A 319 9.39 8.33 -27.79
N GLY A 320 8.32 7.71 -27.26
CA GLY A 320 7.08 8.43 -26.95
C GLY A 320 7.20 9.49 -25.87
N VAL A 321 8.14 9.29 -24.92
CA VAL A 321 8.20 10.20 -23.79
C VAL A 321 9.51 10.99 -23.72
N GLU A 322 10.56 10.49 -24.37
CA GLU A 322 11.88 11.10 -24.21
C GLU A 322 11.88 12.56 -24.66
N PRO A 323 11.28 12.93 -25.80
CA PRO A 323 11.24 14.35 -26.16
C PRO A 323 10.62 15.29 -25.14
N ILE A 324 9.47 14.93 -24.53
CA ILE A 324 8.80 15.79 -23.58
C ILE A 324 9.68 15.93 -22.33
N ILE A 325 10.29 14.82 -21.90
CA ILE A 325 11.15 14.84 -20.72
C ILE A 325 12.35 15.77 -20.96
N ARG A 326 12.99 15.63 -22.10
CA ARG A 326 14.11 16.51 -22.45
C ARG A 326 13.70 17.97 -22.47
N ALA A 327 12.55 18.29 -23.09
CA ALA A 327 12.11 19.68 -23.14
C ALA A 327 11.89 20.30 -21.76
N THR A 328 11.21 19.55 -20.87
CA THR A 328 10.85 20.00 -19.54
C THR A 328 12.12 20.24 -18.73
N LEU A 329 13.08 19.31 -18.84
CA LEU A 329 14.28 19.43 -18.02
C LEU A 329 15.25 20.48 -18.59
N THR A 330 15.34 20.57 -19.93
CA THR A 330 16.21 21.60 -20.50
C THR A 330 15.68 22.99 -20.10
N ALA A 331 14.35 23.16 -20.08
CA ALA A 331 13.74 24.45 -19.79
C ALA A 331 14.06 24.87 -18.35
N SER A 332 14.37 23.89 -17.46
CA SER A 332 14.73 24.17 -16.10
C SER A 332 16.21 24.49 -15.93
N GLY A 333 17.00 24.58 -17.00
CA GLY A 333 18.44 24.77 -16.87
C GLY A 333 19.26 23.48 -16.79
N GLY A 334 18.64 22.34 -17.06
CA GLY A 334 19.36 21.08 -16.95
C GLY A 334 19.92 20.64 -18.30
N GLU A 335 21.04 19.93 -18.29
CA GLU A 335 21.59 19.32 -19.47
C GLU A 335 21.36 17.83 -19.34
N VAL A 336 20.63 17.24 -20.29
CA VAL A 336 20.25 15.85 -20.23
C VAL A 336 21.27 15.02 -21.01
N LEU A 337 21.86 14.03 -20.35
CA LEU A 337 22.99 13.28 -20.85
C LEU A 337 22.68 11.79 -20.79
N THR A 338 23.22 11.04 -21.77
CA THR A 338 23.05 9.61 -21.87
C THR A 338 24.42 8.92 -21.78
N ALA A 339 24.42 7.59 -21.84
CA ALA A 339 25.62 6.77 -21.63
C ALA A 339 26.72 7.13 -22.62
N ALA A 340 26.30 7.53 -23.84
CA ALA A 340 27.23 7.85 -24.90
C ALA A 340 28.03 9.11 -24.58
N GLU A 341 27.48 9.99 -23.74
CA GLU A 341 28.17 11.21 -23.37
C GLU A 341 28.94 11.02 -22.08
N MET A 342 28.67 9.98 -21.30
CA MET A 342 29.21 9.92 -19.94
C MET A 342 30.15 8.72 -19.78
N GLU A 343 30.81 8.35 -20.89
CA GLU A 343 31.71 7.20 -20.91
C GLU A 343 32.87 7.45 -19.97
N GLY A 344 33.08 6.49 -19.07
CA GLY A 344 34.15 6.59 -18.10
C GLY A 344 33.77 7.44 -16.90
N ASN A 345 32.53 7.94 -16.84
CA ASN A 345 32.16 8.77 -15.69
C ASN A 345 31.68 7.84 -14.59
N PRO A 346 32.38 7.72 -13.44
CA PRO A 346 32.06 6.68 -12.47
C PRO A 346 30.73 6.93 -11.75
N TRP A 347 30.28 8.19 -11.68
CA TRP A 347 28.98 8.48 -11.10
C TRP A 347 27.86 8.02 -12.03
N PHE A 348 27.98 8.31 -13.33
CA PHE A 348 27.01 7.79 -14.28
C PHE A 348 26.93 6.26 -14.22
N HIS A 349 28.09 5.59 -14.13
CA HIS A 349 28.12 4.15 -14.08
C HIS A 349 27.43 3.65 -12.82
N HIS A 350 27.71 4.31 -11.70
CA HIS A 350 27.08 4.00 -10.42
C HIS A 350 25.53 4.00 -10.52
N HIS A 351 24.97 5.03 -11.11
CA HIS A 351 23.53 5.16 -11.18
C HIS A 351 22.92 4.30 -12.29
N GLN A 352 23.63 4.13 -13.43
CA GLN A 352 23.20 3.22 -14.50
C GLN A 352 23.04 1.81 -13.92
N THR A 353 23.91 1.44 -12.98
CA THR A 353 23.82 0.15 -12.32
C THR A 353 22.56 0.13 -11.44
N LEU A 354 22.43 1.12 -10.58
CA LEU A 354 21.30 1.14 -9.64
C LEU A 354 19.97 1.08 -10.36
N MET A 355 19.84 1.83 -11.46
CA MET A 355 18.52 2.02 -12.06
C MET A 355 18.10 0.80 -12.91
N GLN A 356 18.95 -0.22 -13.01
CA GLN A 356 18.54 -1.53 -13.55
C GLN A 356 18.53 -2.63 -12.48
N GLY A 357 18.66 -2.21 -11.22
CA GLY A 357 18.73 -3.15 -10.10
C GLY A 357 19.99 -4.00 -10.10
N GLY A 358 21.11 -3.42 -10.52
CA GLY A 358 22.39 -4.11 -10.51
C GLY A 358 23.11 -3.96 -9.17
N LEU A 359 24.09 -4.84 -8.91
CA LEU A 359 24.85 -4.78 -7.67
C LEU A 359 26.10 -3.91 -7.88
N ASN A 360 26.36 -2.86 -7.08
CA ASN A 360 27.57 -2.04 -7.30
C ASN A 360 28.75 -2.65 -6.54
N LEU A 361 29.97 -2.21 -6.89
CA LEU A 361 31.22 -2.73 -6.35
C LEU A 361 31.48 -2.16 -4.94
N ASP A 362 31.30 -3.00 -3.92
CA ASP A 362 31.51 -2.68 -2.51
C ASP A 362 32.54 -1.56 -2.34
N GLU A 363 32.30 -0.62 -1.42
CA GLU A 363 33.27 0.43 -1.14
C GLU A 363 32.57 1.71 -0.68
N VAL A 364 32.21 1.80 0.62
CA VAL A 364 31.51 2.98 1.14
C VAL A 364 32.52 4.09 1.47
N GLY A 365 32.96 4.84 0.42
CA GLY A 365 33.81 6.02 0.57
C GLY A 365 33.31 7.07 1.58
N LEU A 366 31.99 7.15 1.77
CA LEU A 366 31.39 8.17 2.63
C LEU A 366 31.97 8.10 4.05
N LEU A 367 32.37 6.91 4.48
CA LEU A 367 32.89 6.77 5.83
C LEU A 367 34.29 7.32 6.04
N ARG A 368 34.96 7.85 5.00
CA ARG A 368 36.26 8.44 5.20
C ARG A 368 36.37 9.94 4.93
N TRP A 369 35.26 10.66 4.95
CA TRP A 369 35.23 12.07 4.53
C TRP A 369 36.12 12.99 5.36
N ARG A 370 35.87 13.06 6.67
CA ARG A 370 36.45 14.07 7.55
C ARG A 370 37.37 13.38 8.55
N GLY A 371 38.63 13.85 8.65
CA GLY A 371 39.54 13.37 9.67
C GLY A 371 39.74 11.88 9.56
N ALA A 372 39.62 11.17 10.67
CA ALA A 372 39.74 9.73 10.70
C ALA A 372 38.49 8.99 10.17
N GLY A 373 37.41 9.72 9.90
CA GLY A 373 36.17 9.17 9.38
C GLY A 373 35.38 8.38 10.43
N GLY A 374 34.50 7.52 9.92
CA GLY A 374 33.77 6.58 10.76
C GLY A 374 32.44 7.08 11.35
N GLY A 375 32.07 8.32 11.06
CA GLY A 375 30.85 8.93 11.57
C GLY A 375 29.88 9.18 10.43
N LEU A 376 28.70 8.53 10.51
CA LEU A 376 27.61 8.75 9.56
C LEU A 376 26.28 8.52 10.25
N ALA A 377 25.43 9.54 10.20
CA ALA A 377 24.04 9.40 10.60
C ALA A 377 23.19 10.01 9.48
N TRP A 378 22.17 9.27 9.03
CA TRP A 378 21.16 9.81 8.15
C TRP A 378 20.11 10.59 8.93
N PHE A 379 19.83 11.80 8.40
CA PHE A 379 18.68 12.62 8.78
C PHE A 379 17.80 12.68 7.54
N ALA A 380 16.59 12.12 7.62
CA ALA A 380 15.84 11.75 6.41
C ALA A 380 14.42 12.34 6.44
N PRO A 381 14.28 13.68 6.49
CA PRO A 381 12.95 14.30 6.43
C PRO A 381 12.25 14.14 5.10
N VAL A 382 10.92 14.07 5.18
CA VAL A 382 9.98 14.03 4.06
C VAL A 382 9.66 15.47 3.63
N ALA A 383 9.43 15.65 2.35
CA ALA A 383 8.81 16.84 1.81
C ALA A 383 7.77 16.44 0.76
N ALA A 384 6.73 17.24 0.60
CA ALA A 384 5.94 17.18 -0.63
C ALA A 384 6.83 17.54 -1.80
N ALA A 385 6.54 17.01 -2.97
CA ALA A 385 7.30 17.29 -4.18
C ALA A 385 6.98 18.71 -4.68
N ARG A 386 7.40 19.71 -3.93
CA ARG A 386 7.27 21.13 -4.26
C ARG A 386 8.65 21.81 -4.14
N GLY A 387 9.04 22.54 -5.21
CA GLY A 387 10.32 23.22 -5.19
C GLY A 387 10.55 24.06 -3.92
N VAL A 388 9.55 24.82 -3.47
CA VAL A 388 9.73 25.74 -2.34
C VAL A 388 10.06 24.98 -1.06
N GLU A 389 9.50 23.78 -0.91
CA GLU A 389 9.79 22.95 0.25
C GLU A 389 11.25 22.50 0.20
N ALA A 390 11.69 22.02 -0.96
CA ALA A 390 13.09 21.58 -1.08
C ALA A 390 14.05 22.75 -0.87
N GLU A 391 13.71 23.91 -1.44
CA GLU A 391 14.53 25.08 -1.23
C GLU A 391 14.71 25.40 0.24
N ARG A 392 13.60 25.40 0.98
CA ARG A 392 13.64 25.78 2.37
C ARG A 392 14.35 24.71 3.21
N GLN A 393 14.14 23.43 2.91
CA GLN A 393 14.77 22.37 3.70
C GLN A 393 16.30 22.33 3.47
N THR A 394 16.71 22.55 2.22
CA THR A 394 18.13 22.64 1.92
C THR A 394 18.71 23.80 2.74
N ALA A 395 18.07 24.97 2.70
CA ALA A 395 18.62 26.13 3.39
C ALA A 395 18.74 25.89 4.88
N LEU A 396 17.71 25.28 5.50
CA LEU A 396 17.74 25.11 6.95
C LEU A 396 18.79 24.04 7.35
N ALA A 397 18.83 22.93 6.61
CA ALA A 397 19.81 21.88 6.88
C ALA A 397 21.22 22.44 6.76
N LYS A 398 21.51 23.20 5.71
CA LYS A 398 22.85 23.76 5.55
C LYS A 398 23.22 24.69 6.71
N GLU A 399 22.26 25.53 7.11
CA GLU A 399 22.45 26.44 8.24
C GLU A 399 22.84 25.67 9.48
N ILE A 400 22.09 24.59 9.76
CA ILE A 400 22.32 23.86 11.00
C ILE A 400 23.62 23.08 10.95
N VAL A 401 23.88 22.36 9.84
CA VAL A 401 25.08 21.55 9.85
C VAL A 401 26.30 22.49 9.91
N GLU A 402 26.24 23.63 9.23
CA GLU A 402 27.44 24.46 9.14
C GLU A 402 27.66 25.14 10.48
N LYS A 403 26.59 25.49 11.20
CA LYS A 403 26.73 26.07 12.54
C LYS A 403 27.50 25.16 13.51
N HIS A 404 27.40 23.82 13.35
CA HIS A 404 28.06 22.84 14.19
C HIS A 404 29.40 22.36 13.62
N GLY A 405 29.81 22.94 12.49
CA GLY A 405 31.09 22.69 11.87
C GLY A 405 31.09 21.51 10.90
N PHE A 406 29.92 21.16 10.38
CA PHE A 406 29.82 20.05 9.43
C PHE A 406 29.40 20.57 8.07
N ASP A 407 29.40 19.67 7.09
CA ASP A 407 29.06 20.00 5.74
C ASP A 407 27.65 19.50 5.37
N TYR A 408 27.05 20.17 4.39
CA TYR A 408 25.85 19.68 3.72
C TYR A 408 26.20 18.75 2.57
N THR A 409 25.88 17.46 2.80
CA THR A 409 26.09 16.36 1.87
C THR A 409 24.78 15.56 1.78
N ALA A 410 24.07 15.70 0.66
CA ALA A 410 22.67 15.29 0.65
C ALA A 410 22.23 14.86 -0.73
N ALA A 411 21.13 14.10 -0.72
CA ALA A 411 20.41 13.83 -1.95
C ALA A 411 18.92 13.92 -1.68
N TYR A 412 18.15 14.16 -2.73
CA TYR A 412 16.71 13.97 -2.70
C TYR A 412 16.36 12.72 -3.51
N ALA A 413 15.62 11.80 -2.89
CA ALA A 413 15.03 10.71 -3.60
C ALA A 413 13.62 11.12 -4.00
N ILE A 414 13.44 11.41 -5.29
CA ILE A 414 12.19 11.97 -5.78
C ILE A 414 11.21 10.83 -6.00
N GLY A 415 10.04 10.94 -5.36
CA GLY A 415 9.00 9.96 -5.50
C GLY A 415 7.84 10.48 -6.34
N TRP A 416 6.70 9.82 -6.17
CA TRP A 416 5.57 10.09 -7.01
C TRP A 416 5.04 11.47 -6.67
N ARG A 417 4.72 11.72 -5.40
CA ARG A 417 4.24 13.01 -4.93
C ARG A 417 5.08 13.52 -3.75
N ASP A 418 6.14 12.78 -3.39
CA ASP A 418 6.94 13.07 -2.24
C ASP A 418 8.42 13.19 -2.61
N LEU A 419 9.20 13.74 -1.67
CA LEU A 419 10.65 13.64 -1.69
C LEU A 419 11.10 13.05 -0.36
N HIS A 420 12.05 12.09 -0.41
CA HIS A 420 12.83 11.76 0.79
C HIS A 420 14.10 12.62 0.72
N HIS A 421 14.23 13.62 1.59
CA HIS A 421 15.44 14.43 1.64
C HIS A 421 16.49 13.73 2.49
N ILE A 422 17.49 13.07 1.87
CA ILE A 422 18.46 12.24 2.58
C ILE A 422 19.74 13.03 2.90
N ILE A 423 19.93 13.36 4.16
CA ILE A 423 21.04 14.20 4.60
C ILE A 423 22.05 13.33 5.36
N ALA A 424 23.24 13.17 4.79
CA ALA A 424 24.29 12.43 5.48
C ALA A 424 25.02 13.41 6.38
N LEU A 425 25.00 13.16 7.68
CA LEU A 425 25.83 13.87 8.64
C LEU A 425 27.12 13.11 8.82
N LEU A 426 28.18 13.59 8.12
CA LEU A 426 29.47 12.92 8.08
C LEU A 426 30.41 13.56 9.13
N PHE A 427 31.06 12.71 9.93
CA PHE A 427 31.91 13.23 11.00
C PHE A 427 33.04 12.26 11.31
N ASP A 428 34.03 12.79 12.06
CA ASP A 428 35.13 11.99 12.60
C ASP A 428 34.71 11.38 13.95
N LYS A 429 34.24 10.13 13.91
CA LYS A 429 33.72 9.53 15.14
C LYS A 429 34.81 9.23 16.16
N ALA A 430 36.05 9.02 15.67
CA ALA A 430 37.18 8.69 16.54
C ALA A 430 37.63 9.89 17.36
N ASP A 431 37.13 11.09 17.04
CA ASP A 431 37.41 12.29 17.83
C ASP A 431 36.22 12.55 18.72
N PRO A 432 36.34 12.29 20.03
CA PRO A 432 35.16 12.34 20.91
C PRO A 432 34.45 13.69 20.93
N THR A 433 35.17 14.80 20.71
CA THR A 433 34.57 16.10 20.62
C THR A 433 33.70 16.21 19.37
N GLN A 434 34.20 15.69 18.25
CA GLN A 434 33.48 15.71 17.00
C GLN A 434 32.23 14.82 17.08
N GLU A 435 32.31 13.72 17.82
CA GLU A 435 31.15 12.85 17.98
C GLU A 435 30.10 13.58 18.81
N GLN A 436 30.53 14.28 19.86
CA GLN A 436 29.61 15.07 20.68
C GLN A 436 28.95 16.17 19.87
N LYS A 437 29.72 16.90 19.06
CA LYS A 437 29.16 17.94 18.22
C LYS A 437 28.14 17.37 17.23
N ALA A 438 28.43 16.21 16.64
CA ALA A 438 27.51 15.61 15.67
C ALA A 438 26.19 15.25 16.36
N ASP A 439 26.28 14.71 17.60
CA ASP A 439 25.10 14.40 18.37
C ASP A 439 24.26 15.66 18.54
N ALA A 440 24.91 16.79 18.91
CA ALA A 440 24.17 18.03 19.15
C ALA A 440 23.57 18.54 17.85
N CYS A 441 24.33 18.49 16.75
CA CYS A 441 23.84 18.90 15.46
C CYS A 441 22.59 18.11 15.05
N TYR A 442 22.67 16.77 15.24
CA TYR A 442 21.56 15.88 14.85
C TYR A 442 20.30 16.29 15.60
N ARG A 443 20.43 16.51 16.91
CA ARG A 443 19.27 16.89 17.70
C ARG A 443 18.65 18.18 17.18
N GLU A 444 19.49 19.17 16.83
CA GLU A 444 19.02 20.43 16.31
C GLU A 444 18.33 20.25 14.96
N LEU A 445 18.82 19.35 14.10
CA LEU A 445 18.17 19.08 12.84
C LEU A 445 16.75 18.59 13.10
N VAL A 446 16.61 17.57 13.98
CA VAL A 446 15.28 16.99 14.18
C VAL A 446 14.32 18.06 14.76
N THR A 447 14.78 18.80 15.75
CA THR A 447 13.94 19.72 16.53
C THR A 447 13.51 20.89 15.64
N ARG A 448 14.46 21.50 14.93
CA ARG A 448 14.15 22.67 14.10
C ARG A 448 13.34 22.29 12.88
N PHE A 449 13.61 21.14 12.24
CA PHE A 449 12.74 20.71 11.15
C PHE A 449 11.31 20.51 11.63
N GLY A 450 11.17 19.89 12.81
CA GLY A 450 9.85 19.57 13.37
C GLY A 450 9.04 20.85 13.58
N ALA A 451 9.72 21.89 14.09
CA ALA A 451 9.07 23.20 14.26
C ALA A 451 8.58 23.84 12.96
N GLN A 452 9.15 23.52 11.79
CA GLN A 452 8.71 23.98 10.48
C GLN A 452 7.72 22.99 9.83
N GLY A 453 7.31 21.94 10.54
CA GLY A 453 6.33 21.01 10.05
C GLY A 453 6.89 19.80 9.28
N TRP A 454 8.20 19.49 9.45
CA TRP A 454 8.87 18.43 8.72
C TRP A 454 9.44 17.39 9.68
N ALA A 455 9.31 16.11 9.30
CA ALA A 455 9.83 15.06 10.13
C ALA A 455 10.23 13.87 9.23
N SER A 456 10.95 12.93 9.83
CA SER A 456 11.65 11.87 9.15
C SER A 456 10.74 10.75 8.71
N TYR A 457 11.13 10.12 7.58
CA TYR A 457 10.53 8.85 7.11
C TYR A 457 11.08 7.65 7.84
N ARG A 458 12.27 7.79 8.45
CA ARG A 458 13.12 6.72 8.94
C ARG A 458 14.21 7.40 9.76
N THR A 459 14.63 6.77 10.85
CA THR A 459 15.70 7.32 11.64
C THR A 459 16.48 6.24 12.38
N GLY A 460 17.65 6.65 12.90
CA GLY A 460 18.50 5.71 13.63
C GLY A 460 18.16 5.52 15.09
N VAL A 461 18.74 4.47 15.72
CA VAL A 461 18.29 4.07 17.04
C VAL A 461 18.50 5.18 18.06
N ASN A 462 19.50 6.04 17.85
CA ASN A 462 19.82 7.12 18.78
C ASN A 462 18.81 8.26 18.73
N SER A 463 17.97 8.33 17.69
CA SER A 463 17.03 9.44 17.53
C SER A 463 15.57 8.97 17.49
N MET A 464 15.29 7.67 17.66
CA MET A 464 13.94 7.16 17.42
C MET A 464 12.93 7.82 18.38
N ASP A 465 13.33 8.09 19.63
CA ASP A 465 12.41 8.77 20.55
C ASP A 465 12.18 10.22 20.17
N LEU A 466 13.24 10.95 19.80
CA LEU A 466 13.14 12.35 19.44
C LEU A 466 12.33 12.54 18.14
N VAL A 467 12.49 11.63 17.18
CA VAL A 467 11.65 11.70 15.99
C VAL A 467 10.20 11.40 16.35
N ALA A 468 9.96 10.43 17.21
CA ALA A 468 8.58 10.09 17.57
C ALA A 468 7.94 11.34 18.17
N GLN A 469 8.72 12.13 18.93
CA GLN A 469 8.18 13.32 19.60
C GLN A 469 7.72 14.37 18.61
N GLN A 470 8.18 14.36 17.34
CA GLN A 470 7.76 15.29 16.31
C GLN A 470 6.31 14.97 15.88
N TYR A 471 5.90 13.71 15.96
CA TYR A 471 4.58 13.28 15.49
C TYR A 471 3.61 13.39 16.67
N GLY A 472 2.30 13.11 16.45
CA GLY A 472 1.26 13.44 17.44
C GLY A 472 1.37 12.61 18.73
N GLU A 473 0.95 13.22 19.83
CA GLU A 473 0.84 12.50 21.09
C GLU A 473 -0.19 11.38 21.03
N VAL A 474 -1.32 11.58 20.32
CA VAL A 474 -2.30 10.51 20.20
C VAL A 474 -1.68 9.32 19.45
N ASN A 475 -0.86 9.59 18.42
CA ASN A 475 -0.22 8.53 17.68
C ASN A 475 0.69 7.71 18.59
N ARG A 476 1.46 8.45 19.41
CA ARG A 476 2.37 7.80 20.35
C ARG A 476 1.57 6.90 21.30
N ASP A 477 0.47 7.41 21.83
CA ASP A 477 -0.35 6.62 22.74
C ASP A 477 -0.96 5.38 22.08
N PHE A 478 -1.48 5.56 20.85
CA PHE A 478 -2.09 4.48 20.13
C PHE A 478 -1.06 3.37 19.84
N ASN A 479 0.17 3.74 19.42
CA ASN A 479 1.21 2.76 19.20
C ASN A 479 1.49 1.98 20.49
N ARG A 480 1.46 2.68 21.63
CA ARG A 480 1.76 2.02 22.90
C ARG A 480 0.62 1.10 23.28
N THR A 481 -0.63 1.48 22.99
CA THR A 481 -1.75 0.59 23.25
C THR A 481 -1.57 -0.70 22.45
N LEU A 482 -1.23 -0.58 21.16
CA LEU A 482 -1.03 -1.74 20.30
C LEU A 482 0.12 -2.59 20.87
N LYS A 483 1.24 -1.93 21.24
CA LYS A 483 2.41 -2.67 21.72
C LYS A 483 2.05 -3.56 22.92
N ARG A 484 1.35 -2.94 23.88
CA ARG A 484 1.02 -3.61 25.12
C ARG A 484 0.04 -4.75 24.90
N ALA A 485 -0.80 -4.63 23.87
CA ALA A 485 -1.76 -5.68 23.62
C ALA A 485 -1.12 -6.84 22.86
N ILE A 486 -0.24 -6.53 21.89
CA ILE A 486 0.39 -7.52 21.03
C ILE A 486 1.55 -8.22 21.71
N ASP A 487 2.31 -7.44 22.52
CA ASP A 487 3.53 -7.93 23.17
C ASP A 487 3.49 -7.61 24.65
N PRO A 488 2.71 -8.38 25.43
CA PRO A 488 2.49 -7.98 26.81
C PRO A 488 3.73 -7.96 27.66
N ASN A 489 4.71 -8.84 27.36
CA ASN A 489 5.93 -8.87 28.14
C ASN A 489 6.98 -7.87 27.64
N GLY A 490 6.72 -7.19 26.50
CA GLY A 490 7.66 -6.24 25.94
C GLY A 490 9.01 -6.85 25.56
N ILE A 491 8.95 -8.03 24.95
CA ILE A 491 10.21 -8.69 24.63
C ILE A 491 10.65 -8.49 23.16
N LEU A 492 9.88 -7.79 22.32
CA LEU A 492 10.35 -7.50 20.95
C LEU A 492 10.81 -6.04 20.83
N SER A 493 12.08 -5.88 20.55
CA SER A 493 12.70 -4.61 20.15
C SER A 493 12.15 -3.39 20.88
N PRO A 494 12.19 -3.36 22.22
CA PRO A 494 11.76 -2.15 22.91
C PRO A 494 12.50 -0.91 22.41
N GLY A 495 11.75 0.20 22.28
CA GLY A 495 12.25 1.48 21.79
C GLY A 495 12.28 1.63 20.28
N LYS A 496 12.06 0.57 19.51
CA LYS A 496 11.97 0.70 18.08
C LYS A 496 10.88 1.75 17.76
N SER A 497 11.19 2.73 16.91
CA SER A 497 10.25 3.79 16.50
C SER A 497 9.70 4.58 17.69
N GLY A 498 10.45 4.61 18.79
CA GLY A 498 10.03 5.27 20.01
C GLY A 498 8.87 4.60 20.74
N ILE A 499 8.66 3.32 20.44
CA ILE A 499 7.61 2.51 21.10
C ILE A 499 8.18 1.69 22.25
N HIS A 500 7.76 2.02 23.44
CA HIS A 500 8.26 1.40 24.64
C HIS A 500 7.14 0.65 25.36
N PRO A 501 7.42 -0.56 25.88
CA PRO A 501 6.49 -1.27 26.78
C PRO A 501 6.15 -0.40 27.99
N ALA B 1 -26.55 -2.33 26.52
CA ALA B 1 -26.89 -1.03 25.88
C ALA B 1 -28.07 -0.37 26.61
N ASP B 2 -27.97 0.93 26.85
CA ASP B 2 -29.14 1.73 27.19
C ASP B 2 -29.53 2.61 26.00
N PHE B 3 -30.40 2.05 25.17
CA PHE B 3 -30.77 2.66 23.92
C PHE B 3 -31.48 3.99 24.14
N ALA B 4 -32.48 4.06 25.04
CA ALA B 4 -33.24 5.28 25.22
C ALA B 4 -32.36 6.44 25.71
N GLY B 5 -31.42 6.14 26.62
CA GLY B 5 -30.54 7.17 27.15
C GLY B 5 -29.58 7.68 26.07
N ALA B 6 -29.04 6.74 25.28
CA ALA B 6 -28.15 7.08 24.18
C ALA B 6 -28.86 8.00 23.17
N MET B 7 -30.07 7.61 22.72
CA MET B 7 -30.77 8.36 21.68
C MET B 7 -31.18 9.74 22.20
N LYS B 8 -31.56 9.84 23.48
CA LYS B 8 -31.87 11.15 24.02
C LYS B 8 -30.65 12.09 23.99
N ALA B 9 -29.48 11.56 24.39
CA ALA B 9 -28.23 12.32 24.37
C ALA B 9 -27.83 12.67 22.96
N PHE B 10 -28.04 11.74 21.99
CA PHE B 10 -27.77 12.06 20.60
C PHE B 10 -28.62 13.25 20.09
N ARG B 11 -29.91 13.31 20.42
CA ARG B 11 -30.71 14.46 19.99
C ARG B 11 -30.11 15.79 20.45
N GLY B 12 -29.47 15.78 21.63
CA GLY B 12 -28.82 16.94 22.18
C GLY B 12 -27.62 17.39 21.36
N VAL B 13 -26.98 16.43 20.68
CA VAL B 13 -25.79 16.70 19.89
C VAL B 13 -26.18 17.19 18.50
N VAL B 14 -27.01 16.44 17.79
CA VAL B 14 -27.27 16.74 16.38
C VAL B 14 -28.60 17.47 16.15
N GLY B 15 -29.46 17.53 17.17
CA GLY B 15 -30.86 17.92 16.96
C GLY B 15 -31.78 16.72 16.79
N ALA B 16 -33.01 16.83 17.32
CA ALA B 16 -33.99 15.78 17.22
C ALA B 16 -34.27 15.37 15.79
N GLU B 17 -34.17 16.32 14.85
CA GLU B 17 -34.57 16.05 13.49
C GLU B 17 -33.52 15.18 12.76
N TRP B 18 -32.37 14.92 13.39
CA TRP B 18 -31.32 14.09 12.78
C TRP B 18 -31.08 12.80 13.56
N VAL B 19 -31.99 12.47 14.47
CA VAL B 19 -32.03 11.18 15.18
C VAL B 19 -33.31 10.45 14.81
N PHE B 20 -33.15 9.16 14.49
CA PHE B 20 -34.21 8.30 13.98
C PHE B 20 -34.26 7.10 14.90
N GLY B 21 -35.29 6.99 15.73
CA GLY B 21 -35.18 6.21 16.96
C GLY B 21 -36.32 5.23 17.21
N ASP B 22 -37.04 4.86 16.15
CA ASP B 22 -37.99 3.75 16.28
C ASP B 22 -38.14 3.00 14.96
N GLU B 23 -38.88 1.89 14.99
CA GLU B 23 -38.96 1.02 13.82
C GLU B 23 -39.40 1.76 12.56
N GLU B 24 -40.42 2.62 12.68
CA GLU B 24 -40.92 3.38 11.55
C GLU B 24 -39.89 4.39 11.04
N ALA B 25 -39.22 5.08 11.97
CA ALA B 25 -38.33 6.14 11.56
C ALA B 25 -37.05 5.56 10.91
N VAL B 26 -36.68 4.31 11.22
CA VAL B 26 -35.43 3.74 10.71
C VAL B 26 -35.65 2.94 9.41
N VAL B 27 -36.90 2.92 8.87
CA VAL B 27 -37.19 2.25 7.61
C VAL B 27 -36.21 2.66 6.50
N PRO B 28 -35.83 3.94 6.35
CA PRO B 28 -34.90 4.30 5.26
C PRO B 28 -33.51 3.64 5.35
N TRP B 29 -33.13 3.06 6.52
CA TRP B 29 -31.81 2.44 6.69
C TRP B 29 -31.93 0.91 6.69
N SER B 30 -33.14 0.36 6.41
CA SER B 30 -33.42 -1.03 6.70
C SER B 30 -33.48 -1.90 5.45
N LYS B 31 -33.61 -1.38 4.23
CA LYS B 31 -33.81 -2.25 3.07
C LYS B 31 -32.43 -2.84 2.64
N THR B 32 -32.39 -4.16 2.42
CA THR B 32 -31.20 -4.84 1.88
C THR B 32 -31.59 -5.72 0.69
N TYR B 33 -30.59 -6.12 -0.05
CA TYR B 33 -30.78 -6.98 -1.23
C TYR B 33 -30.18 -8.36 -1.00
N ILE B 34 -29.33 -8.52 0.05
CA ILE B 34 -28.80 -9.82 0.43
C ILE B 34 -29.93 -10.70 0.99
N PRO B 35 -29.78 -12.03 0.94
CA PRO B 35 -30.79 -12.91 1.56
C PRO B 35 -30.75 -12.77 3.09
N ASP B 36 -31.95 -12.70 3.73
CA ASP B 36 -32.03 -12.54 5.17
C ASP B 36 -33.30 -13.22 5.66
N PRO B 37 -33.41 -14.55 5.48
CA PRO B 37 -34.65 -15.26 5.83
C PRO B 37 -35.10 -15.04 7.29
N ALA B 38 -34.16 -14.84 8.22
CA ALA B 38 -34.56 -14.65 9.61
C ALA B 38 -34.82 -13.18 9.95
N HIS B 39 -34.69 -12.24 8.98
CA HIS B 39 -34.89 -10.82 9.19
C HIS B 39 -34.03 -10.30 10.35
N GLN B 40 -32.76 -10.72 10.40
CA GLN B 40 -31.89 -10.41 11.53
C GLN B 40 -30.92 -9.26 11.23
N TYR B 41 -30.70 -8.86 9.97
CA TYR B 41 -29.83 -7.72 9.66
C TYR B 41 -30.62 -6.42 9.51
N LYS B 42 -30.67 -5.66 10.60
CA LYS B 42 -31.48 -4.46 10.66
C LYS B 42 -31.03 -3.56 11.78
N PRO B 43 -30.92 -2.24 11.51
CA PRO B 43 -30.58 -1.28 12.58
C PRO B 43 -31.79 -0.93 13.44
N VAL B 44 -31.54 -0.41 14.65
CA VAL B 44 -32.57 -0.04 15.59
C VAL B 44 -32.67 1.50 15.67
N GLY B 45 -31.79 2.23 14.98
CA GLY B 45 -31.81 3.67 15.01
C GLY B 45 -30.76 4.19 14.01
N ALA B 46 -30.81 5.50 13.74
CA ALA B 46 -29.80 6.19 12.93
C ALA B 46 -29.56 7.57 13.50
N VAL B 47 -28.30 8.06 13.33
CA VAL B 47 -27.95 9.40 13.71
C VAL B 47 -27.09 9.99 12.61
N CYS B 48 -27.37 11.24 12.25
CA CYS B 48 -26.77 11.90 11.10
C CYS B 48 -26.09 13.20 11.48
N PRO B 49 -24.82 13.17 11.93
CA PRO B 49 -24.07 14.39 12.23
C PRO B 49 -23.56 15.14 11.01
N GLN B 50 -23.25 16.44 11.19
CA GLN B 50 -22.70 17.29 10.12
C GLN B 50 -21.28 17.72 10.39
N SER B 51 -20.72 17.44 11.58
CA SER B 51 -19.35 17.85 11.89
C SER B 51 -18.61 16.75 12.64
N VAL B 52 -17.28 16.85 12.58
CA VAL B 52 -16.40 15.93 13.28
C VAL B 52 -16.58 16.10 14.79
N GLU B 53 -16.83 17.33 15.27
CA GLU B 53 -17.05 17.55 16.70
C GLU B 53 -18.31 16.83 17.18
N GLU B 54 -19.37 16.84 16.34
CA GLU B 54 -20.58 16.05 16.64
C GLU B 54 -20.25 14.53 16.70
N VAL B 55 -19.46 14.04 15.75
CA VAL B 55 -19.04 12.64 15.76
C VAL B 55 -18.37 12.34 17.08
N GLN B 56 -17.48 13.23 17.50
CA GLN B 56 -16.71 12.88 18.71
C GLN B 56 -17.63 12.78 19.94
N GLU B 57 -18.59 13.71 20.02
CA GLU B 57 -19.54 13.71 21.13
C GLU B 57 -20.40 12.47 21.09
N ILE B 58 -20.86 12.08 19.90
CA ILE B 58 -21.63 10.87 19.70
C ILE B 58 -20.83 9.66 20.22
N VAL B 59 -19.56 9.57 19.86
CA VAL B 59 -18.74 8.46 20.32
C VAL B 59 -18.61 8.45 21.83
N ARG B 60 -18.43 9.58 22.48
CA ARG B 60 -18.36 9.63 23.94
C ARG B 60 -19.66 9.07 24.53
N ILE B 61 -20.80 9.47 23.98
CA ILE B 61 -22.09 9.04 24.52
C ILE B 61 -22.26 7.54 24.30
N ALA B 62 -21.86 7.06 23.13
CA ALA B 62 -21.95 5.63 22.82
C ALA B 62 -21.21 4.78 23.86
N ASN B 63 -20.03 5.25 24.31
CA ASN B 63 -19.29 4.58 25.38
C ASN B 63 -20.08 4.58 26.70
N THR B 64 -20.54 5.77 27.06
CA THR B 64 -21.27 5.92 28.34
C THR B 64 -22.45 4.98 28.42
N TYR B 65 -23.21 4.83 27.32
CA TYR B 65 -24.44 4.04 27.32
C TYR B 65 -24.24 2.65 26.71
N LYS B 66 -23.02 2.30 26.31
CA LYS B 66 -22.67 1.01 25.72
C LYS B 66 -23.58 0.72 24.51
N GLN B 67 -23.81 1.74 23.67
CA GLN B 67 -24.66 1.63 22.50
C GLN B 67 -23.81 1.59 21.23
N PRO B 68 -23.73 0.43 20.56
CA PRO B 68 -22.93 0.32 19.35
C PRO B 68 -23.44 1.11 18.17
N LEU B 69 -22.47 1.59 17.37
CA LEU B 69 -22.67 2.43 16.18
C LEU B 69 -22.19 1.65 14.98
N TRP B 70 -22.97 1.63 13.92
CA TRP B 70 -22.55 1.06 12.64
C TRP B 70 -22.28 2.18 11.65
N THR B 71 -21.01 2.53 11.39
CA THR B 71 -20.63 3.72 10.65
C THR B 71 -20.63 3.47 9.17
N VAL B 72 -21.30 4.39 8.44
CA VAL B 72 -21.27 4.41 6.98
C VAL B 72 -21.02 5.83 6.50
N SER B 73 -20.62 5.90 5.24
CA SER B 73 -20.37 7.17 4.57
C SER B 73 -21.62 7.56 3.80
N THR B 74 -21.91 6.96 2.63
CA THR B 74 -23.18 7.17 1.96
C THR B 74 -24.06 5.95 2.13
N GLY B 75 -23.45 4.81 2.53
CA GLY B 75 -24.27 3.61 2.76
C GLY B 75 -24.84 2.92 1.53
N LYS B 76 -24.16 2.93 0.40
CA LYS B 76 -24.70 2.32 -0.80
C LYS B 76 -23.96 1.02 -1.11
N ASN B 77 -23.69 0.23 -0.07
CA ASN B 77 -22.97 -1.03 -0.20
C ASN B 77 -23.95 -2.11 -0.68
N MET B 78 -24.42 -1.92 -1.91
CA MET B 78 -25.50 -2.73 -2.47
C MET B 78 -24.95 -4.10 -2.89
N GLY B 79 -25.59 -5.17 -2.39
CA GLY B 79 -25.13 -6.53 -2.47
C GLY B 79 -24.19 -6.98 -1.37
N TYR B 80 -23.87 -6.04 -0.47
CA TYR B 80 -23.00 -6.26 0.68
C TYR B 80 -23.70 -5.89 2.00
N GLY B 81 -24.98 -5.52 1.96
CA GLY B 81 -25.71 -5.18 3.15
C GLY B 81 -26.26 -3.76 3.26
N MET B 82 -25.96 -2.87 2.32
CA MET B 82 -26.48 -1.50 2.40
C MET B 82 -26.08 -0.87 3.76
N THR B 83 -27.04 -0.43 4.57
CA THR B 83 -26.72 0.09 5.90
C THR B 83 -27.16 -0.84 7.01
N ALA B 84 -27.32 -2.13 6.74
CA ALA B 84 -27.75 -3.02 7.79
C ALA B 84 -26.54 -3.45 8.60
N PRO B 85 -26.57 -3.36 9.96
CA PRO B 85 -25.45 -3.83 10.75
C PRO B 85 -25.29 -5.34 10.82
N ALA B 86 -24.06 -5.79 11.12
CA ALA B 86 -23.80 -7.21 11.21
C ALA B 86 -24.40 -7.91 12.41
N THR B 87 -24.66 -7.20 13.51
CA THR B 87 -25.24 -7.84 14.68
C THR B 87 -26.42 -6.99 15.11
N PRO B 88 -27.32 -7.53 15.97
CA PRO B 88 -28.53 -6.81 16.35
C PRO B 88 -28.27 -5.66 17.29
N GLY B 89 -29.17 -4.67 17.25
CA GLY B 89 -29.21 -3.66 18.28
C GLY B 89 -28.28 -2.47 18.01
N GLN B 90 -27.77 -2.32 16.78
CA GLN B 90 -26.89 -1.18 16.48
C GLN B 90 -27.62 0.04 15.86
N VAL B 91 -27.03 1.23 16.09
CA VAL B 91 -27.50 2.47 15.51
C VAL B 91 -26.58 2.85 14.38
N VAL B 92 -27.16 3.17 13.21
CA VAL B 92 -26.34 3.57 12.10
C VAL B 92 -25.80 4.95 12.38
N LEU B 93 -24.47 5.12 12.23
CA LEU B 93 -23.82 6.43 12.29
C LEU B 93 -23.59 6.83 10.83
N ASP B 94 -24.50 7.65 10.31
CA ASP B 94 -24.61 7.92 8.89
C ASP B 94 -23.95 9.27 8.63
N LEU B 95 -22.80 9.29 7.94
CA LEU B 95 -21.98 10.50 7.80
C LEU B 95 -22.27 11.25 6.49
N LYS B 96 -23.43 11.05 5.89
CA LYS B 96 -23.74 11.66 4.61
C LYS B 96 -23.74 13.19 4.65
N ARG B 97 -24.03 13.82 5.77
CA ARG B 97 -24.04 15.28 5.81
C ARG B 97 -22.63 15.87 5.98
N MET B 98 -21.62 15.04 6.31
CA MET B 98 -20.24 15.50 6.33
C MET B 98 -19.70 15.37 4.91
N ASN B 99 -20.06 16.32 4.07
CA ASN B 99 -19.83 16.20 2.63
C ASN B 99 -18.92 17.25 2.06
N ARG B 100 -17.98 17.73 2.85
CA ARG B 100 -17.11 18.80 2.42
C ARG B 100 -15.91 18.28 1.64
N ILE B 101 -15.66 18.89 0.48
CA ILE B 101 -14.38 18.75 -0.19
C ILE B 101 -13.44 19.74 0.48
N LEU B 102 -12.44 19.24 1.19
CA LEU B 102 -11.58 20.08 1.99
C LEU B 102 -10.44 20.67 1.18
N GLU B 103 -9.78 19.87 0.33
CA GLU B 103 -8.70 20.41 -0.50
C GLU B 103 -8.67 19.62 -1.82
N VAL B 104 -8.19 20.29 -2.88
CA VAL B 104 -7.79 19.65 -4.12
C VAL B 104 -6.54 20.39 -4.58
N ASP B 105 -5.48 19.61 -4.74
CA ASP B 105 -4.15 20.08 -5.11
C ASP B 105 -3.96 19.70 -6.58
N ALA B 106 -4.09 20.69 -7.46
CA ALA B 106 -3.99 20.43 -8.88
C ALA B 106 -2.59 19.97 -9.29
N ASP B 107 -1.54 20.58 -8.70
CA ASP B 107 -0.18 20.30 -9.11
C ASP B 107 0.26 18.91 -8.68
N LEU B 108 -0.04 18.52 -7.41
CA LEU B 108 0.35 17.21 -6.94
C LEU B 108 -0.67 16.14 -7.29
N GLY B 109 -1.88 16.53 -7.74
CA GLY B 109 -2.86 15.54 -8.14
C GLY B 109 -3.43 14.83 -6.92
N THR B 110 -3.93 15.63 -5.97
CA THR B 110 -4.46 15.03 -4.73
C THR B 110 -5.72 15.73 -4.29
N CYS B 111 -6.45 15.09 -3.34
CA CYS B 111 -7.58 15.76 -2.69
C CYS B 111 -7.70 15.24 -1.26
N LEU B 112 -8.48 15.97 -0.46
CA LEU B 112 -8.80 15.62 0.93
C LEU B 112 -10.31 15.76 1.10
N LEU B 113 -10.97 14.71 1.56
CA LEU B 113 -12.42 14.57 1.51
C LEU B 113 -12.99 14.19 2.87
N GLU B 114 -14.19 14.70 3.16
CA GLU B 114 -15.01 14.12 4.20
C GLU B 114 -15.81 12.93 3.64
N PRO B 115 -16.34 12.07 4.52
CA PRO B 115 -16.95 10.82 4.06
C PRO B 115 -18.15 10.91 3.15
N GLY B 116 -18.92 11.95 3.37
CA GLY B 116 -20.16 12.18 2.64
C GLY B 116 -19.99 12.71 1.23
N VAL B 117 -18.77 13.13 0.85
CA VAL B 117 -18.52 13.54 -0.53
C VAL B 117 -18.85 12.36 -1.44
N THR B 118 -19.67 12.60 -2.48
CA THR B 118 -19.96 11.61 -3.48
C THR B 118 -19.07 11.70 -4.71
N TYR B 119 -19.01 10.62 -5.52
CA TYR B 119 -18.24 10.69 -6.74
C TYR B 119 -18.78 11.81 -7.62
N GLN B 120 -20.10 11.96 -7.65
CA GLN B 120 -20.72 12.97 -8.53
C GLN B 120 -20.23 14.36 -8.12
N GLN B 121 -20.28 14.60 -6.82
CA GLN B 121 -19.86 15.85 -6.26
C GLN B 121 -18.41 16.20 -6.59
N LEU B 122 -17.51 15.21 -6.44
CA LEU B 122 -16.11 15.44 -6.72
C LEU B 122 -15.90 15.69 -8.21
N LYS B 123 -16.52 14.89 -9.08
CA LYS B 123 -16.37 15.10 -10.50
C LYS B 123 -16.86 16.52 -10.87
N ASP B 124 -18.03 16.92 -10.35
CA ASP B 124 -18.58 18.27 -10.61
C ASP B 124 -17.57 19.36 -10.16
N TYR B 125 -16.99 19.16 -8.98
CA TYR B 125 -16.03 20.12 -8.42
C TYR B 125 -14.85 20.30 -9.37
N LEU B 126 -14.29 19.17 -9.85
CA LEU B 126 -13.17 19.24 -10.77
C LEU B 126 -13.54 19.97 -12.07
N GLU B 127 -14.65 19.59 -12.67
CA GLU B 127 -15.11 20.19 -13.90
C GLU B 127 -15.37 21.69 -13.72
N GLU B 128 -16.04 22.05 -12.65
CA GLU B 128 -16.44 23.44 -12.45
C GLU B 128 -15.23 24.34 -12.26
N HIS B 129 -14.15 23.80 -11.66
CA HIS B 129 -12.92 24.52 -11.45
C HIS B 129 -11.93 24.36 -12.59
N LYS B 130 -12.29 23.62 -13.64
CA LYS B 130 -11.41 23.33 -14.77
C LYS B 130 -10.08 22.72 -14.35
N ILE B 131 -10.17 21.80 -13.39
CA ILE B 131 -8.99 21.12 -12.90
C ILE B 131 -8.79 19.83 -13.68
N PRO B 132 -7.65 19.70 -14.39
CA PRO B 132 -7.42 18.57 -15.29
C PRO B 132 -6.99 17.27 -14.57
N LEU B 133 -7.83 16.83 -13.64
CA LEU B 133 -7.69 15.58 -12.94
C LEU B 133 -8.96 14.76 -13.17
N TRP B 134 -8.79 13.42 -13.09
CA TRP B 134 -9.86 12.46 -13.21
C TRP B 134 -10.07 11.80 -11.84
N ILE B 135 -11.25 11.22 -11.68
CA ILE B 135 -11.60 10.32 -10.60
C ILE B 135 -11.60 8.89 -11.11
N ASP B 136 -11.71 7.93 -10.18
CA ASP B 136 -11.79 6.53 -10.53
C ASP B 136 -13.00 5.95 -9.81
N VAL B 137 -14.00 5.52 -10.57
CA VAL B 137 -15.32 5.25 -10.02
C VAL B 137 -15.62 3.78 -10.11
N PRO B 138 -16.28 3.21 -9.09
CA PRO B 138 -16.86 1.87 -9.23
C PRO B 138 -18.10 1.95 -10.14
N ASP B 139 -18.62 0.82 -10.60
CA ASP B 139 -19.74 0.74 -11.50
C ASP B 139 -21.06 0.81 -10.74
N VAL B 140 -21.26 1.92 -10.06
CA VAL B 140 -22.43 2.17 -9.24
C VAL B 140 -23.32 3.25 -9.87
N GLY B 141 -24.46 3.47 -9.22
CA GLY B 141 -25.45 4.41 -9.69
C GLY B 141 -25.11 5.80 -9.19
N PRO B 142 -26.11 6.67 -8.98
CA PRO B 142 -25.81 8.09 -8.78
C PRO B 142 -25.09 8.48 -7.49
N ILE B 143 -25.21 7.68 -6.42
CA ILE B 143 -24.65 8.03 -5.12
C ILE B 143 -23.72 6.92 -4.63
N ALA B 144 -22.46 7.29 -4.41
CA ALA B 144 -21.48 6.43 -3.75
C ALA B 144 -20.35 7.33 -3.30
N SER B 145 -19.46 6.86 -2.41
CA SER B 145 -18.52 7.70 -1.70
C SER B 145 -17.09 7.24 -1.97
N PRO B 146 -16.16 8.12 -2.44
CA PRO B 146 -14.76 7.73 -2.47
C PRO B 146 -14.23 7.21 -1.15
N VAL B 147 -14.65 7.84 -0.07
CA VAL B 147 -14.19 7.39 1.23
C VAL B 147 -14.78 5.98 1.50
N GLY B 148 -16.11 5.82 1.49
CA GLY B 148 -16.70 4.54 1.91
C GLY B 148 -16.15 3.38 1.04
N ASN B 149 -16.08 3.61 -0.26
CA ASN B 149 -15.62 2.57 -1.16
C ASN B 149 -14.17 2.23 -0.88
N THR B 150 -13.32 3.25 -0.73
CA THR B 150 -11.90 3.00 -0.48
C THR B 150 -11.69 2.24 0.83
N LEU B 151 -12.50 2.57 1.86
CA LEU B 151 -12.37 1.87 3.13
C LEU B 151 -12.80 0.39 3.11
N ASP B 152 -13.67 0.01 2.18
CA ASP B 152 -13.99 -1.38 1.96
C ASP B 152 -13.08 -2.01 0.89
N ARG B 153 -12.07 -1.25 0.41
CA ARG B 153 -11.08 -1.65 -0.57
C ARG B 153 -11.72 -2.03 -1.90
N GLY B 154 -12.64 -1.16 -2.33
CA GLY B 154 -13.29 -1.25 -3.63
C GLY B 154 -12.36 -0.90 -4.78
N VAL B 155 -12.96 -1.01 -5.99
CA VAL B 155 -12.25 -1.12 -7.25
C VAL B 155 -12.96 -0.31 -8.32
N GLY B 156 -12.16 0.40 -9.14
CA GLY B 156 -12.64 0.97 -10.38
C GLY B 156 -11.72 0.67 -11.55
N TYR B 157 -11.89 1.44 -12.63
CA TYR B 157 -11.54 0.96 -13.97
C TYR B 157 -10.63 1.91 -14.75
N THR B 158 -9.85 2.75 -14.06
CA THR B 158 -8.76 3.52 -14.66
C THR B 158 -7.46 2.95 -14.16
N PRO B 159 -6.30 3.52 -14.52
CA PRO B 159 -5.05 3.10 -13.85
C PRO B 159 -5.03 3.26 -12.33
N TYR B 160 -5.91 4.12 -11.80
CA TYR B 160 -6.06 4.31 -10.36
C TYR B 160 -7.19 3.42 -9.80
N GLY B 161 -7.36 2.22 -10.39
CA GLY B 161 -8.53 1.42 -10.06
C GLY B 161 -8.44 0.72 -8.72
N GLU B 162 -7.23 0.36 -8.28
CA GLU B 162 -7.09 -0.30 -6.97
C GLU B 162 -7.11 0.76 -5.88
N HIS B 163 -8.35 1.17 -5.46
CA HIS B 163 -8.57 2.40 -4.69
C HIS B 163 -7.68 2.58 -3.46
N PHE B 164 -7.51 1.55 -2.63
CA PHE B 164 -6.74 1.70 -1.41
C PHE B 164 -5.26 1.99 -1.72
N MET B 165 -4.74 1.59 -2.89
CA MET B 165 -3.36 1.94 -3.20
C MET B 165 -3.18 3.46 -3.29
N PHE B 166 -4.22 4.21 -3.63
CA PHE B 166 -4.12 5.63 -3.92
C PHE B 166 -4.61 6.49 -2.76
N GLN B 167 -5.00 5.87 -1.65
CA GLN B 167 -5.30 6.61 -0.43
C GLN B 167 -4.01 7.13 0.17
N CYS B 168 -4.04 8.32 0.75
CA CYS B 168 -2.87 8.93 1.37
C CYS B 168 -3.26 9.90 2.47
N GLY B 169 -3.04 9.48 3.72
CA GLY B 169 -3.40 10.23 4.90
C GLY B 169 -4.90 10.00 5.23
N MET B 170 -5.21 9.84 6.51
CA MET B 170 -6.58 9.85 6.97
C MET B 170 -6.62 10.45 8.39
N GLU B 171 -7.79 11.00 8.76
CA GLU B 171 -8.10 11.32 10.14
C GLU B 171 -9.15 10.33 10.63
N VAL B 172 -8.94 9.83 11.85
CA VAL B 172 -9.81 8.83 12.45
C VAL B 172 -10.23 9.33 13.82
N CYS B 173 -11.53 9.21 14.12
CA CYS B 173 -12.02 9.28 15.50
C CYS B 173 -11.89 7.88 16.08
N LEU B 174 -11.02 7.74 17.08
CA LEU B 174 -10.82 6.48 17.80
C LEU B 174 -12.03 6.19 18.69
N PRO B 175 -12.17 4.94 19.14
CA PRO B 175 -13.31 4.58 19.99
C PRO B 175 -13.47 5.39 21.25
N ASP B 176 -12.42 6.06 21.74
CA ASP B 176 -12.52 6.89 22.94
C ASP B 176 -12.93 8.34 22.61
N GLY B 177 -13.07 8.68 21.33
CA GLY B 177 -13.47 10.03 20.96
C GLY B 177 -12.34 10.97 20.59
N ARG B 178 -11.06 10.52 20.71
CA ARG B 178 -9.92 11.33 20.26
C ARG B 178 -9.72 11.22 18.75
N LEU B 179 -9.23 12.27 18.12
CA LEU B 179 -8.90 12.25 16.70
C LEU B 179 -7.42 11.89 16.56
N MET B 180 -7.14 11.05 15.60
CA MET B 180 -5.76 10.75 15.18
C MET B 180 -5.58 10.93 13.67
N ARG B 181 -4.49 11.63 13.26
CA ARG B 181 -4.14 11.74 11.84
C ARG B 181 -2.96 10.84 11.49
N THR B 182 -3.11 10.09 10.42
CA THR B 182 -2.10 9.13 10.01
C THR B 182 -1.07 9.84 9.13
N GLY B 183 -0.01 9.08 8.80
CA GLY B 183 1.02 9.54 7.90
C GLY B 183 1.80 10.74 8.46
N MET B 184 1.77 11.82 7.65
CA MET B 184 2.44 13.06 8.02
C MET B 184 1.47 14.02 8.71
N GLY B 185 0.18 13.65 8.81
CA GLY B 185 -0.90 14.56 9.21
C GLY B 185 -0.84 15.00 10.69
N SER B 186 -0.13 14.25 11.56
CA SER B 186 -0.11 14.59 12.98
C SER B 186 0.97 15.62 13.31
N ILE B 187 1.71 16.07 12.30
CA ILE B 187 2.66 17.18 12.43
C ILE B 187 1.90 18.47 12.13
N LYS B 188 1.84 19.45 13.05
CA LYS B 188 0.92 20.56 12.87
C LYS B 188 1.30 21.34 11.61
N GLY B 189 0.31 21.65 10.74
CA GLY B 189 0.59 22.37 9.50
C GLY B 189 1.62 21.65 8.62
N SER B 190 1.51 20.31 8.59
CA SER B 190 2.24 19.53 7.62
C SER B 190 1.62 19.86 6.27
N THR B 191 2.46 20.00 5.26
CA THR B 191 1.99 20.18 3.92
C THR B 191 2.16 18.88 3.11
N ALA B 192 2.45 17.76 3.79
CA ALA B 192 2.79 16.52 3.08
C ALA B 192 1.80 15.38 3.38
N TRP B 193 0.63 15.74 3.93
CA TRP B 193 -0.33 14.70 4.38
C TRP B 193 -0.84 13.86 3.19
N GLN B 194 -0.97 14.47 2.01
CA GLN B 194 -1.42 13.78 0.82
C GLN B 194 -0.25 13.50 -0.13
N ALA B 195 0.98 13.60 0.38
CA ALA B 195 2.16 13.41 -0.44
C ALA B 195 2.88 12.09 -0.16
N PHE B 196 2.97 11.71 1.13
CA PHE B 196 3.76 10.55 1.51
C PHE B 196 2.89 9.61 2.33
N LYS B 197 2.76 8.35 1.92
CA LYS B 197 1.75 7.50 2.54
C LYS B 197 2.13 7.03 3.94
N TRP B 198 3.39 6.66 4.16
CA TRP B 198 3.66 5.73 5.26
C TRP B 198 3.82 6.39 6.60
N GLY B 199 4.32 7.62 6.67
CA GLY B 199 4.76 8.24 7.92
C GLY B 199 5.95 7.52 8.58
N TYR B 200 5.97 7.56 9.92
CA TYR B 200 7.10 7.05 10.71
C TYR B 200 6.55 6.01 11.68
N GLY B 201 7.31 4.90 11.88
CA GLY B 201 6.79 3.85 12.74
C GLY B 201 5.70 3.04 12.04
N PRO B 202 4.92 2.20 12.81
CA PRO B 202 4.00 1.26 12.18
C PRO B 202 3.04 1.98 11.23
N TYR B 203 2.76 1.36 10.07
CA TYR B 203 1.82 1.92 9.11
C TYR B 203 0.41 1.49 9.51
N LEU B 204 -0.44 2.47 9.82
CA LEU B 204 -1.70 2.24 10.52
C LEU B 204 -2.93 2.31 9.61
N ASP B 205 -2.88 2.95 8.42
CA ASP B 205 -4.09 3.27 7.66
C ASP B 205 -4.87 1.98 7.37
N GLY B 206 -4.15 0.88 7.10
CA GLY B 206 -4.84 -0.37 6.77
C GLY B 206 -5.69 -0.96 7.89
N LEU B 207 -5.38 -0.63 9.14
CA LEU B 207 -6.18 -1.03 10.28
C LEU B 207 -7.60 -0.49 10.19
N PHE B 208 -7.80 0.61 9.44
CA PHE B 208 -9.11 1.24 9.38
C PHE B 208 -9.83 0.90 8.06
N THR B 209 -9.36 -0.14 7.35
CA THR B 209 -10.01 -0.65 6.16
C THR B 209 -10.60 -1.99 6.49
N GLN B 210 -11.83 -2.20 5.98
CA GLN B 210 -12.64 -3.37 6.32
C GLN B 210 -12.55 -3.71 7.80
N SER B 211 -12.78 -2.70 8.63
CA SER B 211 -12.56 -2.93 10.06
C SER B 211 -13.51 -2.12 10.90
N ASN B 212 -13.39 -2.35 12.21
CA ASN B 212 -14.24 -1.66 13.19
C ASN B 212 -13.36 -1.07 14.29
N PHE B 213 -12.22 -0.49 13.91
CA PHE B 213 -11.28 0.04 14.88
C PHE B 213 -11.33 1.56 14.98
N GLY B 214 -12.04 2.19 14.05
CA GLY B 214 -12.15 3.63 14.10
C GLY B 214 -13.19 4.15 13.12
N ILE B 215 -13.55 5.42 13.28
CA ILE B 215 -14.43 6.14 12.36
C ILE B 215 -13.58 7.11 11.55
N VAL B 216 -13.53 6.92 10.23
CA VAL B 216 -12.76 7.81 9.38
C VAL B 216 -13.57 9.09 9.16
N THR B 217 -12.93 10.23 9.48
CA THR B 217 -13.58 11.52 9.37
C THR B 217 -13.03 12.38 8.24
N LYS B 218 -11.84 12.04 7.74
CA LYS B 218 -11.21 12.74 6.64
C LYS B 218 -10.30 11.74 5.93
N MET B 219 -10.22 11.77 4.59
CA MET B 219 -9.29 10.87 3.91
C MET B 219 -8.69 11.57 2.71
N GLY B 220 -7.41 11.35 2.47
CA GLY B 220 -6.75 11.92 1.30
C GLY B 220 -6.73 10.84 0.20
N LEU B 221 -6.70 11.29 -1.06
CA LEU B 221 -6.76 10.43 -2.22
C LEU B 221 -5.94 11.06 -3.32
N TRP B 222 -5.10 10.25 -3.96
CA TRP B 222 -4.44 10.68 -5.17
C TRP B 222 -5.37 10.57 -6.38
N LEU B 223 -5.27 11.56 -7.29
CA LEU B 223 -6.07 11.62 -8.49
C LEU B 223 -5.17 11.64 -9.72
N MET B 224 -5.64 10.99 -10.78
CA MET B 224 -4.83 10.83 -11.97
C MET B 224 -4.96 12.07 -12.85
N PRO B 225 -3.85 12.64 -13.35
CA PRO B 225 -3.92 13.65 -14.40
C PRO B 225 -4.72 13.18 -15.61
N LYS B 226 -5.55 14.08 -16.16
CA LYS B 226 -6.24 13.79 -17.40
C LYS B 226 -5.21 13.63 -18.51
N PRO B 227 -5.20 12.53 -19.28
CA PRO B 227 -4.23 12.31 -20.34
C PRO B 227 -4.65 13.02 -21.63
N PRO B 228 -3.69 13.46 -22.46
CA PRO B 228 -4.05 14.07 -23.75
C PRO B 228 -4.93 13.16 -24.59
N VAL B 229 -4.63 11.86 -24.55
CA VAL B 229 -5.39 10.85 -25.29
C VAL B 229 -5.84 9.70 -24.38
N TYR B 230 -7.12 9.36 -24.60
CA TYR B 230 -7.80 8.24 -23.97
C TYR B 230 -8.38 7.36 -25.08
N LYS B 231 -8.03 6.10 -25.09
CA LYS B 231 -8.47 5.18 -26.14
C LYS B 231 -9.05 3.91 -25.52
N PRO B 232 -10.40 3.79 -25.47
CA PRO B 232 -11.01 2.57 -24.95
C PRO B 232 -11.11 1.40 -25.94
N PHE B 233 -11.07 0.18 -25.42
CA PHE B 233 -11.17 -1.01 -26.23
C PHE B 233 -12.10 -2.02 -25.59
N MET B 234 -12.66 -2.91 -26.43
CA MET B 234 -13.42 -4.10 -26.02
C MET B 234 -12.83 -5.31 -26.73
N VAL B 235 -12.60 -6.41 -26.00
CA VAL B 235 -12.16 -7.64 -26.59
C VAL B 235 -13.31 -8.63 -26.48
N ARG B 236 -13.72 -9.19 -27.64
CA ARG B 236 -14.80 -10.14 -27.69
C ARG B 236 -14.24 -11.55 -27.87
N HIS B 237 -14.62 -12.46 -26.97
CA HIS B 237 -14.31 -13.88 -27.04
C HIS B 237 -15.62 -14.66 -27.22
N ALA B 238 -15.57 -15.65 -28.14
CA ALA B 238 -16.79 -16.28 -28.62
C ALA B 238 -17.39 -17.33 -27.69
N ASN B 239 -16.58 -17.97 -26.82
CA ASN B 239 -16.96 -19.19 -26.15
C ASN B 239 -16.89 -19.06 -24.63
N MET B 240 -17.86 -19.67 -23.93
CA MET B 240 -17.85 -19.79 -22.48
C MET B 240 -16.50 -20.35 -22.00
N GLU B 241 -15.94 -21.30 -22.78
CA GLU B 241 -14.74 -21.99 -22.31
C GLU B 241 -13.45 -21.19 -22.55
N ASP B 242 -13.51 -19.98 -23.11
CA ASP B 242 -12.33 -19.18 -23.38
C ASP B 242 -11.68 -18.62 -22.10
N VAL B 243 -12.36 -18.71 -20.95
CA VAL B 243 -11.88 -18.07 -19.71
C VAL B 243 -10.36 -18.18 -19.57
N PRO B 244 -9.73 -19.39 -19.53
CA PRO B 244 -8.32 -19.48 -19.21
C PRO B 244 -7.44 -18.78 -20.22
N LYS B 245 -7.82 -18.83 -21.52
CA LYS B 245 -7.03 -18.17 -22.52
C LYS B 245 -7.04 -16.65 -22.38
N ILE B 246 -8.17 -16.08 -21.93
CA ILE B 246 -8.27 -14.64 -21.73
C ILE B 246 -7.34 -14.22 -20.59
N ILE B 247 -7.36 -14.96 -19.47
CA ILE B 247 -6.54 -14.57 -18.33
C ILE B 247 -5.06 -14.70 -18.73
N GLU B 248 -4.71 -15.78 -19.43
CA GLU B 248 -3.33 -16.02 -19.81
C GLU B 248 -2.83 -14.98 -20.79
N ALA B 249 -3.71 -14.40 -21.63
CA ALA B 249 -3.31 -13.34 -22.55
C ALA B 249 -3.21 -11.98 -21.86
N MET B 250 -4.09 -11.71 -20.89
CA MET B 250 -4.07 -10.42 -20.24
C MET B 250 -2.93 -10.34 -19.21
N ARG B 251 -2.62 -11.47 -18.52
CA ARG B 251 -1.66 -11.46 -17.43
C ARG B 251 -0.36 -10.81 -17.88
N PRO B 252 0.33 -11.26 -18.97
CA PRO B 252 1.60 -10.62 -19.29
C PRO B 252 1.51 -9.13 -19.61
N LEU B 253 0.39 -8.71 -20.23
CA LEU B 253 0.14 -7.31 -20.52
C LEU B 253 0.03 -6.49 -19.23
N ARG B 254 -0.59 -7.07 -18.20
CA ARG B 254 -0.72 -6.40 -16.91
C ARG B 254 0.59 -6.48 -16.09
N VAL B 255 1.24 -7.65 -16.01
CA VAL B 255 2.45 -7.79 -15.21
C VAL B 255 3.52 -6.81 -15.74
N SER B 256 3.62 -6.66 -17.08
CA SER B 256 4.57 -5.73 -17.70
C SER B 256 4.03 -4.32 -17.81
N ASN B 257 2.78 -4.12 -17.41
CA ASN B 257 2.16 -2.81 -17.39
C ASN B 257 2.05 -2.17 -18.79
N LEU B 258 1.82 -2.95 -19.84
CA LEU B 258 1.42 -2.39 -21.13
C LEU B 258 -0.03 -1.92 -21.10
N VAL B 259 -0.85 -2.61 -20.28
CA VAL B 259 -2.19 -2.19 -19.92
C VAL B 259 -2.18 -1.95 -18.41
N ALA B 260 -2.71 -0.79 -17.98
CA ALA B 260 -2.53 -0.38 -16.59
C ALA B 260 -3.85 -0.23 -15.83
N ASN B 261 -5.00 -0.20 -16.53
CA ASN B 261 -6.30 -0.11 -15.84
C ASN B 261 -6.81 -1.48 -15.46
N CYS B 262 -7.62 -1.49 -14.38
CA CYS B 262 -8.34 -2.69 -14.00
C CYS B 262 -9.33 -3.04 -15.11
N ASN B 263 -9.33 -4.32 -15.55
CA ASN B 263 -10.10 -4.75 -16.74
C ASN B 263 -11.25 -5.63 -16.29
N LEU B 264 -12.47 -5.22 -16.58
CA LEU B 264 -13.63 -6.06 -16.37
C LEU B 264 -13.76 -7.00 -17.56
N MET B 265 -13.71 -8.29 -17.23
CA MET B 265 -13.96 -9.39 -18.11
C MET B 265 -15.37 -9.87 -17.77
N MET B 266 -16.32 -9.48 -18.59
CA MET B 266 -17.74 -9.64 -18.26
C MET B 266 -18.34 -10.86 -18.96
N SER B 267 -19.07 -11.66 -18.20
CA SER B 267 -19.84 -12.75 -18.82
C SER B 267 -21.04 -12.20 -19.58
N ALA B 268 -21.43 -12.91 -20.65
CA ALA B 268 -22.60 -12.49 -21.40
C ALA B 268 -23.84 -12.47 -20.52
N SER B 269 -23.98 -13.44 -19.60
CA SER B 269 -25.17 -13.48 -18.78
C SER B 269 -25.31 -12.23 -17.92
N TYR B 270 -24.18 -11.79 -17.32
CA TYR B 270 -24.21 -10.58 -16.52
C TYR B 270 -24.59 -9.40 -17.40
N GLN B 271 -23.90 -9.26 -18.56
CA GLN B 271 -24.18 -8.14 -19.43
C GLN B 271 -25.64 -8.08 -19.80
N LEU B 272 -26.22 -9.20 -20.25
CA LEU B 272 -27.65 -9.22 -20.57
C LEU B 272 -28.55 -8.83 -19.40
N ALA B 273 -28.19 -9.27 -18.20
CA ALA B 273 -28.95 -8.98 -17.00
C ALA B 273 -28.96 -7.51 -16.67
N MET B 274 -27.96 -6.78 -17.11
CA MET B 274 -27.94 -5.35 -16.90
C MET B 274 -29.16 -4.68 -17.52
N PHE B 275 -29.57 -5.14 -18.70
CA PHE B 275 -30.60 -4.42 -19.44
C PHE B 275 -31.86 -5.23 -19.74
N LYS B 276 -31.85 -6.55 -19.44
CA LYS B 276 -32.93 -7.44 -19.79
C LYS B 276 -33.27 -8.29 -18.56
N ARG B 277 -34.51 -8.73 -18.47
CA ARG B 277 -34.92 -9.70 -17.47
C ARG B 277 -34.75 -11.11 -18.03
N ARG B 278 -34.64 -12.07 -17.11
CA ARG B 278 -34.29 -13.44 -17.49
C ARG B 278 -35.32 -14.00 -18.47
N ASN B 279 -36.61 -13.69 -18.28
CA ASN B 279 -37.68 -14.22 -19.12
C ASN B 279 -37.76 -13.55 -20.49
N GLU B 280 -36.84 -12.63 -20.78
CA GLU B 280 -36.68 -12.17 -22.14
C GLU B 280 -35.70 -13.08 -22.89
N ILE B 281 -35.01 -13.95 -22.17
CA ILE B 281 -33.92 -14.78 -22.72
C ILE B 281 -34.32 -16.26 -22.75
N VAL B 282 -34.81 -16.81 -21.64
CA VAL B 282 -35.25 -18.20 -21.57
C VAL B 282 -36.47 -18.23 -20.70
N PRO B 283 -37.34 -19.26 -20.84
CA PRO B 283 -38.48 -19.41 -19.91
C PRO B 283 -38.11 -19.67 -18.44
N ASP B 284 -38.98 -19.19 -17.55
CA ASP B 284 -38.85 -19.48 -16.15
C ASP B 284 -38.88 -21.00 -16.06
N GLY B 285 -38.04 -21.53 -15.21
CA GLY B 285 -38.06 -22.99 -15.15
C GLY B 285 -37.04 -23.66 -16.06
N ALA B 286 -36.56 -22.99 -17.11
CA ALA B 286 -35.55 -23.53 -17.98
C ALA B 286 -34.17 -23.03 -17.54
N PRO B 287 -33.08 -23.79 -17.77
CA PRO B 287 -31.74 -23.28 -17.53
C PRO B 287 -31.35 -22.17 -18.49
N LEU B 288 -30.37 -21.35 -18.05
CA LEU B 288 -29.81 -20.32 -18.88
C LEU B 288 -28.76 -20.99 -19.76
N ASP B 289 -29.21 -21.68 -20.80
CA ASP B 289 -28.32 -22.55 -21.58
C ASP B 289 -27.39 -21.72 -22.47
N GLU B 290 -26.21 -22.29 -22.79
CA GLU B 290 -25.20 -21.54 -23.52
C GLU B 290 -25.65 -21.18 -24.93
N ALA B 291 -26.44 -22.02 -25.60
CA ALA B 291 -26.91 -21.66 -26.94
C ALA B 291 -27.84 -20.43 -26.90
N SER B 292 -28.75 -20.36 -25.91
CA SER B 292 -29.63 -19.20 -25.79
C SER B 292 -28.80 -17.95 -25.47
N LEU B 293 -27.78 -18.10 -24.60
CA LEU B 293 -26.96 -16.96 -24.24
C LEU B 293 -26.20 -16.47 -25.45
N LYS B 294 -25.58 -17.41 -26.20
CA LYS B 294 -24.78 -17.04 -27.35
C LYS B 294 -25.62 -16.31 -28.39
N LYS B 295 -26.84 -16.79 -28.64
CA LYS B 295 -27.72 -16.16 -29.62
C LYS B 295 -28.13 -14.75 -29.22
N ALA B 296 -28.44 -14.57 -27.94
CA ALA B 296 -28.85 -13.29 -27.39
C ALA B 296 -27.67 -12.33 -27.36
N ALA B 297 -26.48 -12.82 -26.97
CA ALA B 297 -25.29 -11.99 -26.93
C ALA B 297 -24.92 -11.54 -28.35
N SER B 298 -24.86 -12.50 -29.30
CA SER B 298 -24.55 -12.18 -30.70
C SER B 298 -25.46 -11.12 -31.32
N ALA B 299 -26.77 -11.17 -31.01
CA ALA B 299 -27.73 -10.22 -31.53
C ALA B 299 -27.47 -8.82 -30.97
N ASN B 300 -26.67 -8.74 -29.89
CA ASN B 300 -26.32 -7.51 -29.23
C ASN B 300 -24.87 -7.12 -29.43
N GLY B 301 -24.12 -7.81 -30.30
CA GLY B 301 -22.72 -7.51 -30.55
C GLY B 301 -21.77 -7.93 -29.42
N LEU B 302 -22.21 -8.87 -28.59
CA LEU B 302 -21.41 -9.40 -27.48
C LEU B 302 -20.96 -10.82 -27.75
N GLY B 303 -19.77 -11.12 -27.23
CA GLY B 303 -19.26 -12.47 -27.17
C GLY B 303 -19.77 -13.13 -25.91
N MET B 304 -19.29 -14.34 -25.60
CA MET B 304 -19.66 -14.97 -24.35
C MET B 304 -18.84 -14.38 -23.20
N TRP B 305 -17.67 -13.80 -23.50
CA TRP B 305 -16.89 -13.03 -22.55
C TRP B 305 -16.46 -11.75 -23.25
N ASN B 306 -16.56 -10.62 -22.56
CA ASN B 306 -16.27 -9.35 -23.18
C ASN B 306 -15.41 -8.57 -22.19
N THR B 307 -14.17 -8.25 -22.62
CA THR B 307 -13.17 -7.71 -21.69
C THR B 307 -12.82 -6.29 -22.11
N TYR B 308 -12.81 -5.37 -21.14
CA TYR B 308 -12.68 -3.96 -21.42
C TYR B 308 -11.38 -3.42 -20.85
N PHE B 309 -10.60 -2.71 -21.69
CA PHE B 309 -9.34 -2.12 -21.29
C PHE B 309 -9.20 -0.80 -21.99
N ALA B 310 -8.25 0.03 -21.56
CA ALA B 310 -8.01 1.29 -22.25
C ALA B 310 -6.53 1.61 -22.21
N LEU B 311 -6.15 2.54 -23.12
CA LEU B 311 -4.81 3.13 -23.17
C LEU B 311 -4.91 4.64 -22.95
N TYR B 312 -3.87 5.16 -22.26
CA TYR B 312 -3.86 6.52 -21.79
C TYR B 312 -2.48 7.14 -22.09
N GLY B 313 -2.49 8.33 -22.66
CA GLY B 313 -1.25 9.06 -22.95
C GLY B 313 -1.37 10.03 -24.13
N THR B 314 -0.47 9.83 -25.10
CA THR B 314 -0.53 10.53 -26.37
C THR B 314 -0.75 9.53 -27.48
N GLU B 315 -0.94 10.07 -28.68
CA GLU B 315 -1.14 9.23 -29.85
C GLU B 315 0.10 8.33 -30.00
N GLN B 316 1.27 8.87 -29.63
CA GLN B 316 2.51 8.13 -29.83
C GLN B 316 2.72 7.07 -28.74
N THR B 317 2.43 7.36 -27.46
CA THR B 317 2.55 6.34 -26.43
C THR B 317 1.54 5.21 -26.66
N VAL B 318 0.33 5.54 -27.12
CA VAL B 318 -0.68 4.52 -27.42
C VAL B 318 -0.17 3.60 -28.55
N ALA B 319 0.34 4.20 -29.64
CA ALA B 319 0.89 3.45 -30.77
C ALA B 319 2.07 2.56 -30.37
N GLY B 320 2.81 2.91 -29.30
CA GLY B 320 3.89 2.09 -28.80
C GLY B 320 3.46 0.71 -28.28
N VAL B 321 2.19 0.56 -27.81
CA VAL B 321 1.83 -0.68 -27.15
C VAL B 321 0.64 -1.38 -27.84
N GLU B 322 -0.13 -0.64 -28.62
CA GLU B 322 -1.37 -1.16 -29.17
C GLU B 322 -1.08 -2.36 -30.07
N PRO B 323 -0.06 -2.33 -30.96
CA PRO B 323 0.19 -3.52 -31.79
C PRO B 323 0.46 -4.81 -31.03
N ILE B 324 1.29 -4.75 -29.96
CA ILE B 324 1.59 -5.91 -29.16
C ILE B 324 0.34 -6.39 -28.44
N ILE B 325 -0.46 -5.44 -27.94
CA ILE B 325 -1.68 -5.83 -27.22
C ILE B 325 -2.61 -6.55 -28.19
N ARG B 326 -2.84 -5.95 -29.35
CA ARG B 326 -3.67 -6.57 -30.36
C ARG B 326 -3.16 -7.97 -30.73
N ALA B 327 -1.86 -8.13 -30.98
CA ALA B 327 -1.35 -9.45 -31.35
C ALA B 327 -1.57 -10.52 -30.27
N THR B 328 -1.30 -10.18 -28.99
CA THR B 328 -1.46 -11.07 -27.85
C THR B 328 -2.93 -11.48 -27.76
N LEU B 329 -3.84 -10.51 -27.87
CA LEU B 329 -5.24 -10.84 -27.62
C LEU B 329 -5.87 -11.58 -28.82
N THR B 330 -5.48 -11.24 -30.05
CA THR B 330 -5.99 -11.94 -31.23
C THR B 330 -5.54 -13.41 -31.20
N ALA B 331 -4.29 -13.65 -30.76
CA ALA B 331 -3.76 -15.00 -30.70
C ALA B 331 -4.57 -15.84 -29.72
N SER B 332 -5.23 -15.19 -28.75
CA SER B 332 -6.03 -15.88 -27.77
C SER B 332 -7.47 -16.12 -28.23
N GLY B 333 -7.80 -15.76 -29.49
CA GLY B 333 -9.13 -15.92 -30.02
C GLY B 333 -10.03 -14.72 -29.79
N GLY B 334 -9.42 -13.59 -29.42
CA GLY B 334 -10.22 -12.39 -29.14
C GLY B 334 -10.29 -11.50 -30.37
N GLU B 335 -11.39 -10.78 -30.50
CA GLU B 335 -11.53 -9.78 -31.51
C GLU B 335 -11.44 -8.42 -30.80
N VAL B 336 -10.41 -7.63 -31.12
CA VAL B 336 -10.23 -6.35 -30.46
C VAL B 336 -10.96 -5.22 -31.20
N LEU B 337 -11.84 -4.51 -30.50
CA LEU B 337 -12.72 -3.51 -31.09
C LEU B 337 -12.56 -2.15 -30.39
N THR B 338 -12.79 -1.09 -31.14
CA THR B 338 -12.69 0.30 -30.73
C THR B 338 -14.02 1.01 -30.91
N ALA B 339 -14.09 2.27 -30.49
CA ALA B 339 -15.35 3.03 -30.47
C ALA B 339 -15.97 3.08 -31.85
N ALA B 340 -15.12 3.15 -32.88
CA ALA B 340 -15.58 3.30 -34.26
C ALA B 340 -16.35 2.08 -34.73
N GLU B 341 -16.07 0.90 -34.15
CA GLU B 341 -16.77 -0.32 -34.48
C GLU B 341 -17.93 -0.56 -33.54
N MET B 342 -18.01 0.15 -32.41
CA MET B 342 -19.01 -0.24 -31.42
C MET B 342 -20.05 0.87 -31.26
N GLU B 343 -20.29 1.64 -32.33
CA GLU B 343 -21.20 2.77 -32.25
C GLU B 343 -22.59 2.26 -31.94
N GLY B 344 -23.21 2.85 -30.93
CA GLY B 344 -24.55 2.47 -30.53
C GLY B 344 -24.58 1.25 -29.63
N ASN B 345 -23.43 0.64 -29.33
CA ASN B 345 -23.46 -0.51 -28.45
C ASN B 345 -23.48 -0.03 -27.00
N PRO B 346 -24.55 -0.28 -26.20
CA PRO B 346 -24.68 0.34 -24.88
C PRO B 346 -23.68 -0.21 -23.87
N TRP B 347 -23.20 -1.44 -24.07
CA TRP B 347 -22.20 -2.00 -23.18
C TRP B 347 -20.87 -1.31 -23.42
N PHE B 348 -20.48 -1.12 -24.70
CA PHE B 348 -19.24 -0.43 -24.99
C PHE B 348 -19.28 0.98 -24.38
N HIS B 349 -20.43 1.65 -24.49
CA HIS B 349 -20.60 2.99 -23.97
C HIS B 349 -20.44 2.97 -22.44
N HIS B 350 -21.07 1.98 -21.81
CA HIS B 350 -20.99 1.81 -20.36
C HIS B 350 -19.53 1.71 -19.87
N HIS B 351 -18.71 0.91 -20.57
CA HIS B 351 -17.35 0.69 -20.14
C HIS B 351 -16.46 1.85 -20.56
N GLN B 352 -16.71 2.43 -21.75
CA GLN B 352 -15.94 3.61 -22.17
C GLN B 352 -16.11 4.73 -21.14
N THR B 353 -17.30 4.86 -20.55
CA THR B 353 -17.50 5.82 -19.47
C THR B 353 -16.65 5.45 -18.25
N LEU B 354 -16.80 4.23 -17.76
CA LEU B 354 -16.10 3.79 -16.56
C LEU B 354 -14.60 3.99 -16.67
N MET B 355 -14.01 3.69 -17.85
CA MET B 355 -12.55 3.66 -17.97
C MET B 355 -11.93 5.06 -18.11
N GLN B 356 -12.75 6.11 -18.14
CA GLN B 356 -12.27 7.48 -18.02
C GLN B 356 -12.77 8.11 -16.70
N GLY B 357 -13.32 7.28 -15.82
CA GLY B 357 -13.81 7.74 -14.51
C GLY B 357 -15.03 8.66 -14.66
N GLY B 358 -15.90 8.31 -15.63
CA GLY B 358 -17.15 8.98 -15.87
C GLY B 358 -18.30 8.37 -15.07
N LEU B 359 -19.35 9.17 -14.82
CA LEU B 359 -20.49 8.66 -14.06
C LEU B 359 -21.53 8.09 -15.02
N ASN B 360 -21.95 6.82 -14.84
CA ASN B 360 -23.03 6.28 -15.66
C ASN B 360 -24.33 6.72 -14.98
N LEU B 361 -25.24 7.33 -15.76
CA LEU B 361 -26.57 7.66 -15.28
C LEU B 361 -27.48 6.53 -15.73
N ASP B 362 -27.81 5.63 -14.78
CA ASP B 362 -28.61 4.46 -15.10
C ASP B 362 -29.14 3.87 -13.79
N GLU B 363 -30.29 3.18 -13.88
CA GLU B 363 -30.80 2.37 -12.78
C GLU B 363 -30.05 1.03 -12.83
N VAL B 364 -30.15 0.28 -11.73
CA VAL B 364 -29.53 -1.02 -11.60
C VAL B 364 -30.49 -2.10 -12.10
N GLY B 365 -30.40 -2.38 -13.42
CA GLY B 365 -31.10 -3.47 -14.06
C GLY B 365 -30.97 -4.83 -13.37
N LEU B 366 -29.78 -5.09 -12.78
CA LEU B 366 -29.53 -6.39 -12.17
C LEU B 366 -30.60 -6.77 -11.15
N LEU B 367 -31.21 -5.78 -10.49
CA LEU B 367 -32.17 -6.11 -9.46
C LEU B 367 -33.49 -6.61 -10.01
N ARG B 368 -33.68 -6.72 -11.34
CA ARG B 368 -34.92 -7.24 -11.85
C ARG B 368 -34.80 -8.52 -12.67
N TRP B 369 -33.75 -9.29 -12.46
CA TRP B 369 -33.49 -10.43 -13.33
C TRP B 369 -34.56 -11.54 -13.28
N ARG B 370 -34.85 -12.07 -12.08
CA ARG B 370 -35.63 -13.30 -11.88
C ARG B 370 -36.89 -12.93 -11.11
N GLY B 371 -38.04 -13.31 -11.64
CA GLY B 371 -39.30 -13.14 -10.91
C GLY B 371 -39.53 -11.67 -10.60
N ALA B 372 -39.91 -11.42 -9.33
CA ALA B 372 -40.12 -10.09 -8.79
C ALA B 372 -38.80 -9.33 -8.53
N GLY B 373 -37.65 -10.01 -8.65
CA GLY B 373 -36.34 -9.40 -8.47
C GLY B 373 -36.03 -9.11 -7.01
N GLY B 374 -35.12 -8.15 -6.80
CA GLY B 374 -34.82 -7.56 -5.50
C GLY B 374 -33.77 -8.32 -4.66
N GLY B 375 -33.22 -9.41 -5.20
CA GLY B 375 -32.22 -10.24 -4.53
C GLY B 375 -30.88 -10.15 -5.25
N LEU B 376 -29.87 -9.66 -4.51
CA LEU B 376 -28.49 -9.57 -5.00
C LEU B 376 -27.53 -9.74 -3.81
N ALA B 377 -26.62 -10.71 -3.94
CA ALA B 377 -25.51 -10.83 -3.00
C ALA B 377 -24.25 -11.09 -3.82
N TRP B 378 -23.23 -10.25 -3.63
CA TRP B 378 -21.93 -10.49 -4.22
C TRP B 378 -21.19 -11.60 -3.49
N PHE B 379 -20.67 -12.57 -4.24
CA PHE B 379 -19.70 -13.53 -3.78
C PHE B 379 -18.41 -13.19 -4.54
N ALA B 380 -17.38 -12.78 -3.84
CA ALA B 380 -16.23 -12.11 -4.45
C ALA B 380 -14.91 -12.78 -4.08
N PRO B 381 -14.70 -14.07 -4.43
CA PRO B 381 -13.41 -14.73 -4.23
C PRO B 381 -12.24 -14.15 -5.03
N VAL B 382 -11.05 -14.20 -4.45
CA VAL B 382 -9.78 -13.83 -5.08
C VAL B 382 -9.23 -15.04 -5.82
N ALA B 383 -8.54 -14.79 -6.94
CA ALA B 383 -7.64 -15.75 -7.56
C ALA B 383 -6.33 -15.06 -7.90
N ALA B 384 -5.25 -15.83 -8.00
CA ALA B 384 -4.10 -15.36 -8.74
C ALA B 384 -4.45 -15.26 -10.22
N ALA B 385 -3.72 -14.42 -10.93
CA ALA B 385 -4.01 -14.19 -12.34
C ALA B 385 -3.42 -15.34 -13.19
N ARG B 386 -4.02 -16.51 -13.01
CA ARG B 386 -3.66 -17.72 -13.74
C ARG B 386 -4.94 -18.30 -14.39
N GLY B 387 -4.84 -18.62 -15.68
CA GLY B 387 -5.98 -19.16 -16.40
C GLY B 387 -6.61 -20.36 -15.71
N VAL B 388 -5.78 -21.31 -15.22
CA VAL B 388 -6.32 -22.52 -14.63
C VAL B 388 -7.19 -22.20 -13.39
N GLU B 389 -6.82 -21.17 -12.62
CA GLU B 389 -7.60 -20.84 -11.43
C GLU B 389 -8.96 -20.28 -11.82
N ALA B 390 -8.98 -19.39 -12.82
CA ALA B 390 -10.27 -18.82 -13.30
C ALA B 390 -11.14 -19.94 -13.87
N GLU B 391 -10.52 -20.86 -14.62
CA GLU B 391 -11.28 -21.96 -15.20
C GLU B 391 -11.96 -22.77 -14.11
N ARG B 392 -11.19 -23.11 -13.06
CA ARG B 392 -11.71 -23.93 -11.99
C ARG B 392 -12.73 -23.20 -11.12
N GLN B 393 -12.54 -21.90 -10.89
CA GLN B 393 -13.50 -21.13 -10.08
C GLN B 393 -14.81 -20.93 -10.82
N THR B 394 -14.74 -20.67 -12.12
CA THR B 394 -15.95 -20.55 -12.90
C THR B 394 -16.71 -21.86 -12.90
N ALA B 395 -16.01 -23.00 -13.09
CA ALA B 395 -16.67 -24.31 -13.09
C ALA B 395 -17.34 -24.60 -11.75
N LEU B 396 -16.64 -24.28 -10.64
CA LEU B 396 -17.20 -24.60 -9.34
C LEU B 396 -18.40 -23.70 -9.03
N ALA B 397 -18.29 -22.40 -9.31
CA ALA B 397 -19.36 -21.47 -9.01
C ALA B 397 -20.60 -21.81 -9.83
N LYS B 398 -20.41 -22.12 -11.12
CA LYS B 398 -21.50 -22.57 -11.99
C LYS B 398 -22.21 -23.80 -11.43
N GLU B 399 -21.44 -24.82 -11.06
CA GLU B 399 -21.98 -26.02 -10.45
C GLU B 399 -22.86 -25.66 -9.26
N ILE B 400 -22.35 -24.82 -8.36
CA ILE B 400 -23.05 -24.56 -7.12
C ILE B 400 -24.31 -23.73 -7.38
N VAL B 401 -24.22 -22.63 -8.13
CA VAL B 401 -25.41 -21.79 -8.30
C VAL B 401 -26.50 -22.61 -9.05
N GLU B 402 -26.09 -23.44 -9.99
CA GLU B 402 -27.10 -24.16 -10.80
C GLU B 402 -27.75 -25.27 -9.96
N LYS B 403 -26.98 -25.93 -9.08
CA LYS B 403 -27.53 -26.88 -8.12
C LYS B 403 -28.71 -26.31 -7.32
N HIS B 404 -28.60 -25.01 -6.92
CA HIS B 404 -29.59 -24.35 -6.09
C HIS B 404 -30.67 -23.65 -6.92
N GLY B 405 -30.60 -23.73 -8.24
CA GLY B 405 -31.61 -23.18 -9.10
C GLY B 405 -31.34 -21.75 -9.57
N PHE B 406 -30.09 -21.29 -9.48
CA PHE B 406 -29.70 -19.94 -9.88
C PHE B 406 -28.74 -19.98 -11.05
N ASP B 407 -28.48 -18.81 -11.64
CA ASP B 407 -27.63 -18.66 -12.80
C ASP B 407 -26.23 -18.20 -12.42
N TYR B 408 -25.26 -18.52 -13.26
CA TYR B 408 -23.93 -17.91 -13.22
C TYR B 408 -23.91 -16.60 -13.99
N THR B 409 -23.79 -15.50 -13.22
CA THR B 409 -23.73 -14.14 -13.72
C THR B 409 -22.55 -13.47 -13.03
N ALA B 410 -21.47 -13.24 -13.77
CA ALA B 410 -20.21 -12.92 -13.16
C ALA B 410 -19.33 -12.07 -14.05
N ALA B 411 -18.30 -11.50 -13.41
CA ALA B 411 -17.21 -10.85 -14.12
C ALA B 411 -15.94 -11.14 -13.35
N TYR B 412 -14.79 -11.00 -14.03
CA TYR B 412 -13.51 -10.94 -13.38
C TYR B 412 -12.99 -9.52 -13.51
N ALA B 413 -12.58 -8.91 -12.37
CA ALA B 413 -11.84 -7.68 -12.41
C ALA B 413 -10.36 -8.04 -12.36
N ILE B 414 -9.72 -7.88 -13.51
CA ILE B 414 -8.34 -8.29 -13.67
C ILE B 414 -7.44 -7.20 -13.11
N GLY B 415 -6.60 -7.59 -12.14
CA GLY B 415 -5.60 -6.72 -11.52
C GLY B 415 -4.19 -7.02 -12.01
N TRP B 416 -3.22 -6.50 -11.26
CA TRP B 416 -1.82 -6.59 -11.64
C TRP B 416 -1.36 -8.05 -11.65
N ARG B 417 -1.54 -8.76 -10.51
CA ARG B 417 -1.19 -10.16 -10.38
C ARG B 417 -2.38 -10.96 -9.85
N ASP B 418 -3.53 -10.31 -9.64
CA ASP B 418 -4.68 -10.93 -9.03
C ASP B 418 -5.92 -10.82 -9.94
N LEU B 419 -6.95 -11.60 -9.60
CA LEU B 419 -8.31 -11.38 -10.13
C LEU B 419 -9.23 -11.27 -8.92
N HIS B 420 -10.17 -10.33 -8.99
CA HIS B 420 -11.37 -10.35 -8.17
C HIS B 420 -12.45 -11.04 -9.03
N HIS B 421 -12.86 -12.23 -8.63
CA HIS B 421 -13.94 -12.92 -9.33
C HIS B 421 -15.27 -12.52 -8.71
N ILE B 422 -16.00 -11.63 -9.40
CA ILE B 422 -17.25 -11.04 -8.89
C ILE B 422 -18.45 -11.84 -9.38
N ILE B 423 -19.09 -12.56 -8.44
CA ILE B 423 -20.23 -13.40 -8.76
C ILE B 423 -21.50 -12.80 -8.15
N ALA B 424 -22.41 -12.34 -9.01
CA ALA B 424 -23.69 -11.80 -8.57
C ALA B 424 -24.63 -12.98 -8.43
N LEU B 425 -25.10 -13.23 -7.21
CA LEU B 425 -26.14 -14.21 -6.94
C LEU B 425 -27.49 -13.49 -6.97
N LEU B 426 -28.17 -13.62 -8.12
CA LEU B 426 -29.40 -12.89 -8.39
C LEU B 426 -30.61 -13.79 -8.10
N PHE B 427 -31.57 -13.25 -7.34
CA PHE B 427 -32.72 -14.05 -6.96
C PHE B 427 -33.95 -13.16 -6.76
N ASP B 428 -35.10 -13.83 -6.61
CA ASP B 428 -36.35 -13.16 -6.26
C ASP B 428 -36.53 -13.10 -4.75
N LYS B 429 -36.21 -11.94 -4.16
CA LYS B 429 -36.19 -11.86 -2.72
C LYS B 429 -37.60 -11.84 -2.13
N ALA B 430 -38.58 -11.44 -2.96
CA ALA B 430 -39.96 -11.32 -2.54
C ALA B 430 -40.63 -12.69 -2.40
N ASP B 431 -39.97 -13.75 -2.92
CA ASP B 431 -40.44 -15.11 -2.75
C ASP B 431 -39.64 -15.74 -1.61
N PRO B 432 -40.24 -15.99 -0.44
CA PRO B 432 -39.44 -16.43 0.71
C PRO B 432 -38.70 -17.74 0.51
N THR B 433 -39.21 -18.63 -0.35
CA THR B 433 -38.55 -19.88 -0.67
C THR B 433 -37.28 -19.62 -1.48
N GLN B 434 -37.35 -18.66 -2.40
CA GLN B 434 -36.19 -18.31 -3.18
C GLN B 434 -35.12 -17.62 -2.30
N GLU B 435 -35.56 -16.81 -1.36
CA GLU B 435 -34.61 -16.15 -0.46
C GLU B 435 -33.89 -17.21 0.36
N GLN B 436 -34.63 -18.21 0.87
CA GLN B 436 -34.00 -19.30 1.62
C GLN B 436 -33.00 -20.05 0.78
N LYS B 437 -33.38 -20.39 -0.45
CA LYS B 437 -32.48 -21.11 -1.35
C LYS B 437 -31.23 -20.29 -1.63
N ALA B 438 -31.35 -18.97 -1.81
CA ALA B 438 -30.17 -18.16 -2.13
C ALA B 438 -29.22 -18.13 -0.91
N ASP B 439 -29.81 -18.14 0.29
CA ASP B 439 -29.03 -18.17 1.53
C ASP B 439 -28.21 -19.47 1.56
N ALA B 440 -28.86 -20.62 1.33
CA ALA B 440 -28.17 -21.91 1.30
C ALA B 440 -27.10 -21.95 0.22
N CYS B 441 -27.40 -21.37 -0.95
CA CYS B 441 -26.48 -21.38 -2.05
C CYS B 441 -25.22 -20.59 -1.69
N TYR B 442 -25.44 -19.40 -1.08
CA TYR B 442 -24.33 -18.56 -0.74
C TYR B 442 -23.40 -19.27 0.26
N ARG B 443 -23.99 -19.92 1.27
CA ARG B 443 -23.21 -20.67 2.25
C ARG B 443 -22.34 -21.70 1.53
N GLU B 444 -22.93 -22.43 0.57
CA GLU B 444 -22.20 -23.47 -0.13
C GLU B 444 -21.05 -22.86 -0.94
N LEU B 445 -21.28 -21.74 -1.65
CA LEU B 445 -20.22 -21.06 -2.36
C LEU B 445 -19.03 -20.79 -1.43
N VAL B 446 -19.28 -20.12 -0.32
CA VAL B 446 -18.20 -19.77 0.60
C VAL B 446 -17.45 -21.04 1.09
N THR B 447 -18.20 -22.04 1.55
CA THR B 447 -17.63 -23.24 2.17
C THR B 447 -16.83 -23.99 1.14
N ARG B 448 -17.41 -24.28 -0.01
CA ARG B 448 -16.72 -25.14 -0.97
C ARG B 448 -15.56 -24.41 -1.65
N PHE B 449 -15.64 -23.09 -1.89
CA PHE B 449 -14.46 -22.37 -2.35
C PHE B 449 -13.33 -22.45 -1.31
N GLY B 450 -13.70 -22.31 -0.05
CA GLY B 450 -12.70 -22.27 1.01
C GLY B 450 -11.92 -23.59 1.04
N ALA B 451 -12.65 -24.68 0.83
CA ALA B 451 -12.04 -26.02 0.82
C ALA B 451 -11.09 -26.21 -0.35
N GLN B 452 -11.17 -25.42 -1.42
CA GLN B 452 -10.22 -25.46 -2.52
C GLN B 452 -9.15 -24.38 -2.38
N GLY B 453 -9.15 -23.64 -1.28
CA GLY B 453 -8.11 -22.64 -1.03
C GLY B 453 -8.43 -21.20 -1.49
N TRP B 454 -9.72 -20.92 -1.73
CA TRP B 454 -10.18 -19.65 -2.25
C TRP B 454 -11.13 -18.97 -1.27
N ALA B 455 -10.94 -17.64 -1.09
CA ALA B 455 -11.80 -16.89 -0.21
C ALA B 455 -11.91 -15.44 -0.71
N SER B 456 -12.89 -14.76 -0.11
CA SER B 456 -13.37 -13.47 -0.58
C SER B 456 -12.44 -12.31 -0.21
N TYR B 457 -12.40 -11.31 -1.11
CA TYR B 457 -11.74 -10.02 -0.88
C TYR B 457 -12.64 -9.11 -0.03
N ARG B 458 -13.95 -9.36 -0.02
CA ARG B 458 -14.97 -8.46 0.51
C ARG B 458 -16.23 -9.30 0.61
N THR B 459 -17.04 -9.09 1.63
CA THR B 459 -18.31 -9.78 1.65
C THR B 459 -19.39 -8.98 2.38
N GLY B 460 -20.62 -9.48 2.31
CA GLY B 460 -21.73 -8.78 2.93
C GLY B 460 -22.01 -9.16 4.39
N VAL B 461 -22.85 -8.36 5.06
CA VAL B 461 -22.93 -8.48 6.52
C VAL B 461 -23.41 -9.85 6.91
N ASN B 462 -24.19 -10.50 6.08
CA ASN B 462 -24.75 -11.80 6.42
C ASN B 462 -23.74 -12.95 6.33
N SER B 463 -22.59 -12.72 5.69
CA SER B 463 -21.61 -13.77 5.55
C SER B 463 -20.26 -13.38 6.17
N MET B 464 -20.19 -12.27 6.92
CA MET B 464 -18.85 -11.82 7.38
C MET B 464 -18.22 -12.84 8.35
N ASP B 465 -19.03 -13.51 9.15
CA ASP B 465 -18.48 -14.49 10.05
C ASP B 465 -18.00 -15.72 9.27
N LEU B 466 -18.85 -16.22 8.38
CA LEU B 466 -18.49 -17.40 7.61
C LEU B 466 -17.26 -17.19 6.73
N VAL B 467 -17.08 -16.00 6.14
CA VAL B 467 -15.86 -15.71 5.42
C VAL B 467 -14.64 -15.63 6.33
N ALA B 468 -14.75 -15.00 7.51
CA ALA B 468 -13.68 -14.98 8.53
C ALA B 468 -13.23 -16.39 8.85
N GLN B 469 -14.19 -17.33 8.94
CA GLN B 469 -13.89 -18.72 9.23
C GLN B 469 -13.04 -19.38 8.17
N GLN B 470 -12.97 -18.88 6.95
CA GLN B 470 -12.13 -19.45 5.90
C GLN B 470 -10.65 -19.06 6.08
N TYR B 471 -10.38 -17.95 6.77
CA TYR B 471 -9.03 -17.47 7.02
C TYR B 471 -8.54 -18.04 8.35
N GLY B 472 -7.29 -17.73 8.76
CA GLY B 472 -6.68 -18.49 9.87
C GLY B 472 -7.30 -18.18 11.23
N GLU B 473 -7.26 -19.18 12.10
CA GLU B 473 -7.66 -18.99 13.50
C GLU B 473 -6.78 -17.96 14.22
N VAL B 474 -5.47 -17.97 13.96
CA VAL B 474 -4.57 -17.00 14.59
C VAL B 474 -4.94 -15.58 14.13
N ASN B 475 -5.32 -15.42 12.85
CA ASN B 475 -5.72 -14.12 12.33
C ASN B 475 -6.94 -13.63 13.11
N ARG B 476 -7.90 -14.54 13.26
CA ARG B 476 -9.12 -14.17 13.96
C ARG B 476 -8.78 -13.71 15.38
N ASP B 477 -7.94 -14.47 16.10
CA ASP B 477 -7.55 -14.13 17.47
C ASP B 477 -6.84 -12.78 17.55
N PHE B 478 -5.91 -12.55 16.61
CA PHE B 478 -5.16 -11.32 16.57
C PHE B 478 -6.09 -10.12 16.39
N ASN B 479 -7.03 -10.21 15.44
CA ASN B 479 -8.01 -9.16 15.22
C ASN B 479 -8.87 -8.94 16.47
N ARG B 480 -9.17 -9.99 17.24
CA ARG B 480 -9.96 -9.81 18.44
C ARG B 480 -9.15 -9.12 19.53
N THR B 481 -7.86 -9.47 19.61
CA THR B 481 -6.95 -8.80 20.54
C THR B 481 -6.86 -7.29 20.26
N LEU B 482 -6.74 -6.93 18.99
CA LEU B 482 -6.71 -5.54 18.61
C LEU B 482 -8.03 -4.88 18.98
N LYS B 483 -9.14 -5.57 18.66
CA LYS B 483 -10.45 -4.96 18.88
C LYS B 483 -10.65 -4.60 20.33
N ARG B 484 -10.34 -5.53 21.20
CA ARG B 484 -10.59 -5.33 22.62
C ARG B 484 -9.67 -4.23 23.17
N ALA B 485 -8.44 -4.11 22.63
CA ALA B 485 -7.50 -3.09 23.10
C ALA B 485 -7.90 -1.69 22.60
N ILE B 486 -8.33 -1.60 21.33
CA ILE B 486 -8.65 -0.33 20.67
C ILE B 486 -10.04 0.17 21.06
N ASP B 487 -11.00 -0.77 21.22
CA ASP B 487 -12.40 -0.43 21.50
C ASP B 487 -12.91 -1.25 22.66
N PRO B 488 -12.49 -0.88 23.87
CA PRO B 488 -12.79 -1.73 25.03
C PRO B 488 -14.27 -1.94 25.31
N ASN B 489 -15.11 -0.97 24.96
CA ASN B 489 -16.56 -1.11 25.18
C ASN B 489 -17.28 -1.79 24.00
N GLY B 490 -16.54 -2.06 22.90
CA GLY B 490 -17.12 -2.74 21.75
C GLY B 490 -18.24 -1.93 21.08
N ILE B 491 -18.05 -0.60 21.01
CA ILE B 491 -19.11 0.24 20.48
C ILE B 491 -18.98 0.55 18.98
N LEU B 492 -17.93 0.12 18.29
CA LEU B 492 -17.85 0.38 16.84
C LEU B 492 -18.13 -0.90 16.04
N SER B 493 -19.19 -0.83 15.24
CA SER B 493 -19.59 -1.84 14.28
C SER B 493 -19.21 -3.28 14.67
N PRO B 494 -19.73 -3.82 15.79
CA PRO B 494 -19.45 -5.20 16.17
C PRO B 494 -19.90 -6.14 15.06
N GLY B 495 -19.01 -7.14 14.79
CA GLY B 495 -19.23 -8.13 13.74
C GLY B 495 -18.73 -7.75 12.37
N LYS B 496 -18.32 -6.51 12.15
CA LYS B 496 -17.70 -6.18 10.86
C LYS B 496 -16.48 -7.09 10.63
N SER B 497 -16.37 -7.69 9.44
CA SER B 497 -15.27 -8.61 9.13
C SER B 497 -15.18 -9.78 10.10
N GLY B 498 -16.30 -10.16 10.74
CA GLY B 498 -16.31 -11.23 11.72
C GLY B 498 -15.60 -10.91 13.01
N ILE B 499 -15.31 -9.63 13.26
CA ILE B 499 -14.60 -9.19 14.47
C ILE B 499 -15.61 -8.82 15.53
N HIS B 500 -15.68 -9.61 16.61
CA HIS B 500 -16.62 -9.39 17.70
C HIS B 500 -15.90 -9.01 18.99
N PRO B 501 -16.43 -8.05 19.76
CA PRO B 501 -15.95 -7.85 21.14
C PRO B 501 -16.08 -9.10 22.02
PA FAD C . 18.26 -4.86 8.46
O1A FAD C . 19.32 -4.01 9.11
O2A FAD C . 18.37 -6.36 8.68
O5B FAD C . 16.81 -4.40 8.88
C5B FAD C . 16.42 -3.04 9.11
C4B FAD C . 15.48 -2.99 10.31
O4B FAD C . 14.24 -3.71 10.04
C3B FAD C . 16.03 -3.64 11.58
O3B FAD C . 16.93 -2.79 12.27
C2B FAD C . 14.75 -4.01 12.32
O2B FAD C . 14.16 -2.89 12.95
C1B FAD C . 13.82 -4.43 11.22
N9A FAD C . 13.85 -5.83 10.90
C8A FAD C . 14.75 -6.46 9.98
N7A FAD C . 14.47 -7.74 9.81
C5A FAD C . 13.32 -7.93 10.55
C6A FAD C . 12.52 -9.08 10.74
N6A FAD C . 12.77 -10.22 10.12
N1A FAD C . 11.44 -9.00 11.56
C2A FAD C . 11.19 -7.80 12.08
N3A FAD C . 11.89 -6.65 12.03
C4A FAD C . 12.99 -6.80 11.28
N1 FAD C . 18.78 2.46 2.37
C2 FAD C . 17.81 2.52 1.43
O2 FAD C . 16.65 2.14 1.70
N3 FAD C . 18.03 3.04 0.16
C4 FAD C . 19.30 3.41 -0.26
O4 FAD C . 19.47 3.76 -1.45
C4X FAD C . 20.32 3.38 0.72
N5 FAD C . 21.56 3.77 0.40
C5X FAD C . 22.54 3.69 1.36
C6 FAD C . 23.81 4.21 1.05
C7 FAD C . 24.85 4.19 1.95
C7M FAD C . 26.19 4.74 1.54
C8 FAD C . 24.60 3.69 3.24
C8M FAD C . 25.69 3.66 4.27
C9 FAD C . 23.34 3.21 3.59
C9A FAD C . 22.28 3.22 2.66
N10 FAD C . 21.00 2.73 2.95
C10 FAD C . 19.98 2.88 2.04
C1' FAD C . 20.66 2.35 4.35
C2' FAD C . 20.81 0.86 4.70
O2' FAD C . 22.18 0.49 4.59
C3' FAD C . 19.93 -0.05 3.83
O3' FAD C . 18.59 0.39 3.92
C4' FAD C . 20.02 -1.53 4.15
O4' FAD C . 19.34 -2.29 3.13
C5' FAD C . 19.46 -1.86 5.52
O5' FAD C . 20.12 -3.01 6.12
P FAD C . 19.54 -4.49 5.91
O1P FAD C . 18.99 -4.67 4.52
O2P FAD C . 20.58 -5.45 6.40
O3P FAD C . 18.28 -4.60 6.86
CAI V55 D . 20.15 6.64 1.00
CAG V55 D . 18.80 6.68 0.60
CAK V55 D . 17.81 6.46 1.55
CAJ V55 D . 18.15 6.29 2.88
CAF V55 D . 19.48 6.32 3.26
OAB V55 D . 21.09 7.03 -1.15
CAE V55 D . 20.46 6.44 2.32
CAD V55 D . 21.23 6.84 0.02
CAA V55 D . 16.02 6.82 0.05
OAH V55 D . 16.46 6.47 1.36
OAC V55 D . 17.18 6.11 3.85
C1 GOL E . 27.96 -10.16 12.70
O1 GOL E . 28.61 -11.38 12.36
C2 GOL E . 26.71 -10.02 11.87
O2 GOL E . 26.00 -11.26 11.94
C3 GOL E . 25.87 -8.84 12.33
O3 GOL E . 24.88 -8.50 11.37
C1 PEG F . 5.25 7.88 15.96
O1 PEG F . 4.54 7.69 17.21
C2 PEG F . 4.46 7.53 14.68
O2 PEG F . 3.66 8.64 14.24
C3 PEG F . 3.21 8.59 12.89
C4 PEG F . 2.37 7.42 12.68
O4 PEG F . 1.38 7.26 13.69
PA FAD G . -20.38 2.85 2.26
O1A FAD G . -21.50 1.86 2.17
O2A FAD G . -20.65 4.17 2.93
O5B FAD G . -19.14 2.18 3.00
C5B FAD G . -18.80 0.78 2.89
C4B FAD G . -18.36 0.25 4.22
O4B FAD G . -17.15 0.91 4.68
C3B FAD G . -19.40 0.45 5.33
O3B FAD G . -20.41 -0.54 5.36
C2B FAD G . -18.51 0.43 6.59
O2B FAD G . -18.11 -0.88 6.97
C1B FAD G . -17.25 1.10 6.11
N9A FAD G . -17.23 2.57 6.29
C8A FAD G . -17.81 3.50 5.44
N7A FAD G . -17.55 4.74 5.80
C5A FAD G . -16.82 4.62 6.99
C6A FAD G . -16.17 5.58 7.77
N6A FAD G . -16.26 6.89 7.54
N1A FAD G . -15.47 5.12 8.85
C2A FAD G . -15.35 3.79 9.01
N3A FAD G . -15.90 2.80 8.30
C4A FAD G . -16.65 3.29 7.31
N1 FAD G . -18.11 -1.84 -5.75
C2 FAD G . -16.86 -1.64 -6.22
O2 FAD G . -15.90 -1.46 -5.44
N3 FAD G . -16.59 -1.65 -7.57
C4 FAD G . -17.59 -1.78 -8.51
O4 FAD G . -17.27 -1.69 -9.71
C4X FAD G . -18.90 -1.99 -8.04
N5 FAD G . -19.88 -2.15 -8.93
C5X FAD G . -21.14 -2.35 -8.43
C6 FAD G . -22.17 -2.65 -9.35
C7 FAD G . -23.46 -2.86 -8.94
C7M FAD G . -24.54 -3.15 -9.94
C8 FAD G . -23.75 -2.88 -7.55
C8M FAD G . -25.14 -3.14 -7.05
C9 FAD G . -22.75 -2.59 -6.64
C9A FAD G . -21.43 -2.38 -7.05
N10 FAD G . -20.39 -2.14 -6.14
C10 FAD G . -19.10 -1.98 -6.62
C1' FAD G . -20.59 -2.28 -4.70
C2' FAD G . -20.92 -1.01 -3.90
O2' FAD G . -22.20 -0.53 -4.35
C3' FAD G . -19.85 0.07 -3.99
O3' FAD G . -18.61 -0.47 -3.59
C4' FAD G . -20.17 1.36 -3.24
O4' FAD G . -19.23 2.40 -3.61
C5' FAD G . -20.17 1.14 -1.75
O5' FAD G . -21.12 2.06 -1.11
P FAD G . -20.59 3.46 -0.54
O1P FAD G . -19.59 4.06 -1.46
O2P FAD G . -21.79 4.25 -0.16
O3P FAD G . -19.78 3.11 0.80
CAI V55 H . -18.61 -5.16 -8.88
CAG V55 H . -17.21 -5.15 -8.73
CAK V55 H . -16.66 -5.34 -7.50
CAJ V55 H . -17.47 -5.60 -6.39
CAF V55 H . -18.84 -5.65 -6.55
OAB V55 H . -18.66 -4.84 -11.21
CAE V55 H . -19.40 -5.39 -7.77
CAD V55 H . -19.24 -4.96 -10.19
CAA V55 H . -14.40 -5.22 -8.24
OAH V55 H . -15.33 -5.35 -7.19
OAC V55 H . -16.91 -5.82 -5.16
C1 GOL I . -29.30 6.15 3.33
O1 GOL I . -27.99 5.74 3.72
C2 GOL I . -29.99 6.88 4.45
O2 GOL I . -29.37 8.16 4.62
C3 GOL I . -31.48 7.01 4.26
O3 GOL I . -31.87 8.37 4.07
#